data_6WND
#
_entry.id   6WND
#
_cell.length_a   74.578
_cell.length_b   96.976
_cell.length_c   80.409
_cell.angle_alpha   90.000
_cell.angle_beta   107.241
_cell.angle_gamma   90.000
#
_symmetry.space_group_name_H-M   'P 1 21 1'
#
loop_
_entity.id
_entity.type
_entity.pdbx_description
1 polymer SxtDIOX
2 non-polymer 'FE2/S2 (INORGANIC) CLUSTER'
3 non-polymer GLYCEROL
4 non-polymer '[(2Z,3aS,4R,6Z,10aR)-2,6-diiminooctahydro-1H,8H-pyrrolo[1,2-c]purin-4-yl]methyl carbamate'
5 non-polymer 'FE (III) ION'
6 non-polymer 'CHLORIDE ION'
7 water water
#
_entity_poly.entity_id   1
_entity_poly.type   'polypeptide(L)'
_entity_poly.pdbx_seq_one_letter_code
;MTTADLILINNWYVVAKVEDCRPGSITTAHLLGVKLVLWRSHEQNSPIQVWQDYCPHRGVPLSMGEVANNTLVCPYHGWR
YNQAGKCVQIPAHPDMVPPASAQAKTYHCQERYGLVWVCLGNPVNDIPSFPEWDDPNYHKTYTKSYLIQASPFRVMDNSI
DVSHFPFIHEGILGDRNHAEVEDLEVKVDKDGLTMGKYQVHTSKFNNSTKDDSMVNWFRLSHPLCQYCSTEASEMRTVDL
MVVTPIDEDNSVLRYLIMWNGSKTLESKILADYDQVIEEDIRILHSQQPTRLPLLSPKQINTQGLPQEIHVPSDRCTVAY
RRWLKELGVTYGVC
;
_entity_poly.pdbx_strand_id   A,B,C
#
loop_
_chem_comp.id
_chem_comp.type
_chem_comp.name
_chem_comp.formula
CL non-polymer 'CHLORIDE ION' 'Cl -1'
FE non-polymer 'FE (III) ION' 'Fe 3'
FES non-polymer 'FE2/S2 (INORGANIC) CLUSTER' 'Fe2 S2'
GOL non-polymer GLYCEROL 'C3 H8 O3'
U5A non-polymer '[(2Z,3aS,4R,6Z,10aR)-2,6-diiminooctahydro-1H,8H-pyrrolo[1,2-c]purin-4-yl]methyl carbamate' 'C10 H17 N7 O2'
#
# COMPACT_ATOMS: atom_id res chain seq x y z
N THR A 2 31.71 33.30 8.79
CA THR A 2 31.05 32.56 9.87
C THR A 2 32.03 31.61 10.58
N THR A 3 31.83 31.45 11.89
CA THR A 3 32.63 30.56 12.72
C THR A 3 31.81 29.42 13.31
N ALA A 4 30.63 29.17 12.78
CA ALA A 4 29.85 28.02 13.19
C ALA A 4 30.48 26.72 12.64
N ASP A 5 30.15 25.62 13.29
CA ASP A 5 30.70 24.32 12.92
C ASP A 5 30.26 23.93 11.53
N LEU A 6 31.09 23.13 10.86
CA LEU A 6 30.79 22.74 9.49
C LEU A 6 29.44 22.05 9.40
N ILE A 7 29.11 21.20 10.39
CA ILE A 7 27.83 20.50 10.34
C ILE A 7 26.67 21.50 10.25
N LEU A 8 26.80 22.65 10.92
CA LEU A 8 25.74 23.67 10.86
C LEU A 8 25.81 24.46 9.56
N ILE A 9 27.02 24.72 9.06
CA ILE A 9 27.22 25.53 7.86
C ILE A 9 26.56 24.88 6.64
N ASN A 10 26.50 23.55 6.61
CA ASN A 10 26.03 22.84 5.43
C ASN A 10 24.55 22.47 5.50
N ASN A 11 23.81 23.05 6.44
CA ASN A 11 22.38 22.84 6.55
C ASN A 11 21.61 24.07 6.09
N TRP A 12 20.34 23.83 5.75
CA TRP A 12 19.40 24.84 5.31
C TRP A 12 18.63 25.43 6.51
N TYR A 13 18.47 26.75 6.52
CA TYR A 13 17.74 27.45 7.58
C TYR A 13 16.76 28.43 6.96
N VAL A 14 15.60 28.59 7.60
CA VAL A 14 14.67 29.63 7.16
C VAL A 14 15.17 30.99 7.63
N VAL A 15 15.15 31.97 6.73
CA VAL A 15 15.55 33.34 7.06
C VAL A 15 14.47 34.35 6.76
N ALA A 16 13.43 34.01 6.02
CA ALA A 16 12.35 34.95 5.70
C ALA A 16 11.16 34.18 5.14
N LYS A 17 10.04 34.87 5.00
CA LYS A 17 8.89 34.34 4.31
C LYS A 17 8.93 34.86 2.89
N VAL A 18 8.54 34.00 1.94
CA VAL A 18 8.54 34.41 0.55
C VAL A 18 7.70 35.68 0.36
N GLU A 19 6.54 35.76 1.06
CA GLU A 19 5.66 36.92 0.91
C GLU A 19 6.36 38.25 1.25
N ASP A 20 7.43 38.22 2.04
CA ASP A 20 8.13 39.47 2.33
C ASP A 20 9.22 39.81 1.34
N CYS A 21 9.56 38.91 0.40
CA CYS A 21 10.57 39.16 -0.61
C CYS A 21 9.85 39.38 -1.94
N ARG A 22 9.32 40.58 -2.11
CA ARG A 22 8.64 40.96 -3.34
C ARG A 22 9.65 41.30 -4.43
N PRO A 23 9.24 41.18 -5.70
CA PRO A 23 10.12 41.63 -6.80
C PRO A 23 10.54 43.08 -6.59
N GLY A 24 11.82 43.36 -6.83
CA GLY A 24 12.36 44.68 -6.62
C GLY A 24 12.83 44.96 -5.21
N SER A 25 12.50 44.10 -4.23
CA SER A 25 12.72 44.42 -2.83
C SER A 25 14.16 44.12 -2.41
N ILE A 26 14.58 44.79 -1.34
CA ILE A 26 15.81 44.53 -0.61
C ILE A 26 15.45 44.35 0.85
N THR A 27 15.81 43.21 1.43
CA THR A 27 15.63 42.98 2.85
C THR A 27 16.90 42.35 3.41
N THR A 28 16.94 42.22 4.72
CA THR A 28 18.11 41.72 5.42
C THR A 28 17.72 40.56 6.31
N ALA A 29 18.73 39.76 6.63
CA ALA A 29 18.60 38.76 7.67
C ALA A 29 19.99 38.57 8.28
N HIS A 30 20.04 37.73 9.29
CA HIS A 30 21.26 37.46 10.04
C HIS A 30 21.31 35.96 10.33
N LEU A 31 22.35 35.28 9.86
CA LEU A 31 22.39 33.82 9.99
C LEU A 31 23.77 33.37 10.42
N LEU A 32 23.85 32.66 11.55
CA LEU A 32 25.10 32.11 12.07
C LEU A 32 26.19 33.18 12.16
N GLY A 33 25.80 34.36 12.59
CA GLY A 33 26.72 35.48 12.69
C GLY A 33 27.01 36.24 11.41
N VAL A 34 26.43 35.87 10.28
CA VAL A 34 26.65 36.59 9.02
C VAL A 34 25.44 37.48 8.72
N LYS A 35 25.70 38.75 8.43
CA LYS A 35 24.65 39.66 7.94
C LYS A 35 24.39 39.40 6.46
N LEU A 36 23.13 39.16 6.12
CA LEU A 36 22.71 38.81 4.78
C LEU A 36 21.86 39.92 4.16
N VAL A 37 21.94 40.05 2.84
CA VAL A 37 21.03 40.87 2.06
C VAL A 37 20.27 39.94 1.12
N LEU A 38 18.96 40.10 1.07
CA LEU A 38 18.12 39.40 0.13
C LEU A 38 17.56 40.44 -0.83
N TRP A 39 17.57 40.13 -2.13
CA TRP A 39 17.07 41.05 -3.13
C TRP A 39 16.61 40.29 -4.36
N ARG A 40 15.69 40.91 -5.10
CA ARG A 40 15.08 40.37 -6.31
C ARG A 40 14.97 41.50 -7.33
N SER A 41 15.18 41.15 -8.61
CA SER A 41 14.87 42.10 -9.67
C SER A 41 13.36 42.34 -9.73
N HIS A 42 12.98 43.41 -10.44
CA HIS A 42 11.57 43.74 -10.62
C HIS A 42 10.82 42.81 -11.58
N GLU A 43 11.51 41.89 -12.25
CA GLU A 43 10.79 40.93 -13.09
C GLU A 43 9.89 40.06 -12.21
N GLN A 44 8.66 39.86 -12.67
CA GLN A 44 7.80 38.89 -12.01
C GLN A 44 8.44 37.50 -12.12
N ASN A 45 8.37 36.75 -11.02
CA ASN A 45 9.00 35.43 -10.88
C ASN A 45 10.53 35.49 -10.81
N SER A 46 11.12 36.66 -10.63
CA SER A 46 12.58 36.74 -10.53
C SER A 46 13.08 35.91 -9.35
N PRO A 47 14.28 35.34 -9.45
CA PRO A 47 14.84 34.60 -8.31
C PRO A 47 15.26 35.53 -7.18
N ILE A 48 15.40 34.93 -5.99
CA ILE A 48 15.93 35.62 -4.82
C ILE A 48 17.43 35.38 -4.75
N GLN A 49 18.20 36.48 -4.68
CA GLN A 49 19.62 36.42 -4.34
C GLN A 49 19.83 36.62 -2.84
N VAL A 50 20.67 35.79 -2.24
CA VAL A 50 21.03 35.96 -0.84
C VAL A 50 22.55 36.07 -0.74
N TRP A 51 23.04 37.26 -0.36
CA TRP A 51 24.45 37.57 -0.33
C TRP A 51 24.83 38.05 1.06
N GLN A 52 26.11 37.92 1.37
CA GLN A 52 26.64 38.63 2.51
C GLN A 52 26.44 40.13 2.30
N ASP A 53 25.95 40.83 3.32
CA ASP A 53 25.54 42.23 3.22
C ASP A 53 26.76 43.16 3.31
N TYR A 54 27.62 43.09 2.28
CA TYR A 54 28.95 43.70 2.39
C TYR A 54 29.46 44.03 1.01
N CYS A 55 29.56 45.32 0.70
CA CYS A 55 30.19 45.71 -0.55
C CYS A 55 31.71 45.62 -0.40
N PRO A 56 32.41 44.87 -1.25
CA PRO A 56 33.84 44.66 -1.03
C PRO A 56 34.72 45.84 -1.45
N HIS A 57 34.17 46.88 -2.08
CA HIS A 57 34.98 48.07 -2.34
C HIS A 57 35.39 48.72 -1.02
N ARG A 58 34.43 49.27 -0.29
CA ARG A 58 34.73 49.95 0.97
C ARG A 58 33.88 49.44 2.14
N GLY A 59 33.33 48.23 2.05
CA GLY A 59 32.66 47.64 3.21
C GLY A 59 31.34 48.26 3.64
N VAL A 60 30.59 48.87 2.73
CA VAL A 60 29.27 49.41 3.03
C VAL A 60 28.22 48.33 2.84
N PRO A 61 27.18 48.24 3.69
CA PRO A 61 26.12 47.23 3.44
C PRO A 61 25.45 47.45 2.09
N LEU A 62 25.44 46.40 1.27
CA LEU A 62 24.66 46.44 0.03
C LEU A 62 23.16 46.62 0.29
N SER A 63 22.68 46.24 1.47
CA SER A 63 21.26 46.39 1.75
C SER A 63 20.82 47.85 1.80
N MET A 64 21.76 48.79 1.90
CA MET A 64 21.45 50.22 1.78
C MET A 64 21.37 50.68 0.34
N GLY A 65 21.49 49.80 -0.64
CA GLY A 65 21.54 50.17 -2.03
C GLY A 65 20.19 50.20 -2.70
N GLU A 66 20.19 49.93 -4.00
CA GLU A 66 18.98 50.01 -4.81
C GLU A 66 19.04 48.96 -5.91
N VAL A 67 17.89 48.37 -6.25
CA VAL A 67 17.81 47.39 -7.31
C VAL A 67 17.41 48.11 -8.61
N ALA A 68 18.32 48.11 -9.58
CA ALA A 68 18.07 48.74 -10.88
C ALA A 68 18.52 47.79 -11.98
N ASN A 69 17.61 47.44 -12.89
CA ASN A 69 17.95 46.73 -14.14
C ASN A 69 18.63 45.39 -13.87
N ASN A 70 18.01 44.56 -13.03
CA ASN A 70 18.54 43.25 -12.68
C ASN A 70 19.89 43.32 -11.97
N THR A 71 20.27 44.47 -11.42
CA THR A 71 21.50 44.60 -10.64
C THR A 71 21.18 45.22 -9.28
N LEU A 72 22.05 44.95 -8.32
CA LEU A 72 22.01 45.59 -7.02
C LEU A 72 23.14 46.62 -7.01
N VAL A 73 22.81 47.86 -6.62
CA VAL A 73 23.69 49.01 -6.77
C VAL A 73 24.11 49.47 -5.38
N CYS A 74 25.42 49.50 -5.14
CA CYS A 74 25.90 50.04 -3.87
C CYS A 74 25.71 51.55 -3.82
N PRO A 75 25.24 52.10 -2.69
CA PRO A 75 24.97 53.55 -2.62
C PRO A 75 26.23 54.42 -2.51
N TYR A 76 27.38 53.86 -2.12
CA TYR A 76 28.53 54.70 -1.81
C TYR A 76 29.25 55.16 -3.08
N HIS A 77 29.57 54.23 -3.99
CA HIS A 77 30.24 54.57 -5.24
C HIS A 77 29.51 54.01 -6.46
N GLY A 78 28.33 53.41 -6.28
CA GLY A 78 27.50 53.02 -7.39
C GLY A 78 27.88 51.75 -8.11
N TRP A 79 28.83 50.96 -7.58
CA TRP A 79 29.18 49.70 -8.21
C TRP A 79 27.95 48.81 -8.36
N ARG A 80 27.82 48.20 -9.53
CA ARG A 80 26.64 47.43 -9.90
C ARG A 80 26.96 45.95 -9.95
N TYR A 81 26.14 45.14 -9.27
CA TYR A 81 26.34 43.71 -9.16
C TYR A 81 25.17 42.97 -9.82
N ASN A 82 25.49 42.07 -10.74
CA ASN A 82 24.46 41.29 -11.43
C ASN A 82 23.95 40.16 -10.55
N GLN A 83 23.00 39.37 -11.09
CA GLN A 83 22.33 38.37 -10.27
C GLN A 83 23.27 37.29 -9.77
N ALA A 84 24.41 37.11 -10.44
CA ALA A 84 25.44 36.20 -9.94
C ALA A 84 26.39 36.89 -8.99
N GLY A 85 26.17 38.16 -8.67
CA GLY A 85 27.07 38.84 -7.76
C GLY A 85 28.36 39.35 -8.35
N LYS A 86 28.50 39.34 -9.67
CA LYS A 86 29.70 39.88 -10.28
C LYS A 86 29.50 41.38 -10.46
N CYS A 87 30.50 42.17 -10.07
CA CYS A 87 30.43 43.59 -10.38
C CYS A 87 30.58 43.78 -11.88
N VAL A 88 29.60 44.41 -12.51
CA VAL A 88 29.58 44.59 -13.95
C VAL A 88 29.75 46.04 -14.38
N GLN A 89 29.88 46.98 -13.44
CA GLN A 89 30.00 48.39 -13.81
C GLN A 89 30.57 49.15 -12.62
N ILE A 90 31.67 49.86 -12.85
CA ILE A 90 32.24 50.78 -11.89
C ILE A 90 32.08 52.20 -12.47
N PRO A 91 31.16 52.99 -11.94
CA PRO A 91 30.83 54.26 -12.62
C PRO A 91 31.99 55.24 -12.68
N ALA A 92 32.91 55.22 -11.71
CA ALA A 92 34.07 56.10 -11.78
C ALA A 92 34.92 55.79 -13.02
N HIS A 93 34.90 54.56 -13.51
CA HIS A 93 35.72 54.15 -14.65
C HIS A 93 34.84 53.33 -15.58
N PRO A 94 33.93 53.99 -16.30
CA PRO A 94 32.89 53.26 -17.04
C PRO A 94 33.42 52.40 -18.19
N ASP A 95 34.64 52.63 -18.67
CA ASP A 95 35.18 51.76 -19.71
C ASP A 95 35.92 50.56 -19.13
N MET A 96 36.29 50.63 -17.87
CA MET A 96 37.10 49.58 -17.26
C MET A 96 36.29 48.32 -17.01
N VAL A 97 36.91 47.17 -17.27
CA VAL A 97 36.35 45.89 -16.83
C VAL A 97 36.58 45.77 -15.33
N PRO A 98 35.55 45.48 -14.54
CA PRO A 98 35.74 45.36 -13.09
C PRO A 98 36.65 44.19 -12.76
N PRO A 99 37.61 44.38 -11.85
CA PRO A 99 38.52 43.29 -11.50
C PRO A 99 37.77 42.08 -10.94
N ALA A 100 38.43 40.92 -11.01
CA ALA A 100 37.78 39.65 -10.67
C ALA A 100 37.38 39.57 -9.20
N SER A 101 38.14 40.24 -8.32
CA SER A 101 37.76 40.24 -6.91
C SER A 101 36.49 41.05 -6.63
N ALA A 102 36.04 41.88 -7.57
CA ALA A 102 34.81 42.67 -7.37
C ALA A 102 33.62 41.72 -7.55
N GLN A 103 33.32 41.01 -6.47
CA GLN A 103 32.37 39.92 -6.47
C GLN A 103 31.72 39.89 -5.09
N ALA A 104 30.39 40.01 -5.05
CA ALA A 104 29.71 39.79 -3.78
C ALA A 104 29.83 38.33 -3.34
N LYS A 105 29.93 38.10 -2.04
CA LYS A 105 29.91 36.74 -1.51
C LYS A 105 28.46 36.24 -1.54
N THR A 106 28.18 35.25 -2.39
CA THR A 106 26.84 34.73 -2.60
C THR A 106 26.64 33.42 -1.83
N TYR A 107 25.37 33.10 -1.55
CA TYR A 107 24.99 31.90 -0.83
C TYR A 107 23.84 31.19 -1.52
N HIS A 108 23.66 29.92 -1.17
CA HIS A 108 22.57 29.13 -1.71
C HIS A 108 21.24 29.53 -1.11
N CYS A 109 20.22 29.58 -1.95
CA CYS A 109 18.89 29.96 -1.51
C CYS A 109 17.87 29.10 -2.25
N GLN A 110 16.85 28.62 -1.55
CA GLN A 110 15.72 27.90 -2.14
C GLN A 110 14.44 28.39 -1.52
N GLU A 111 13.38 28.50 -2.31
CA GLU A 111 12.05 28.74 -1.78
C GLU A 111 11.35 27.40 -1.64
N ARG A 112 10.79 27.15 -0.46
CA ARG A 112 10.02 25.94 -0.21
C ARG A 112 9.03 26.23 0.92
N TYR A 113 7.80 25.73 0.76
CA TYR A 113 6.74 25.86 1.78
C TYR A 113 6.43 27.31 2.11
N GLY A 114 6.68 28.23 1.18
CA GLY A 114 6.44 29.64 1.38
C GLY A 114 7.53 30.37 2.14
N LEU A 115 8.68 29.74 2.33
CA LEU A 115 9.74 30.29 3.16
C LEU A 115 11.03 30.33 2.35
N VAL A 116 11.92 31.22 2.75
CA VAL A 116 13.21 31.39 2.09
C VAL A 116 14.24 30.63 2.91
N TRP A 117 14.78 29.58 2.33
CA TRP A 117 15.80 28.74 2.97
C TRP A 117 17.16 29.11 2.42
N VAL A 118 18.17 29.11 3.29
CA VAL A 118 19.50 29.58 2.96
C VAL A 118 20.50 28.58 3.51
N CYS A 119 21.47 28.23 2.68
CA CYS A 119 22.61 27.42 3.10
C CYS A 119 23.88 28.23 2.88
N LEU A 120 24.63 28.47 3.95
CA LEU A 120 25.83 29.28 3.85
C LEU A 120 27.04 28.47 3.38
N GLY A 121 26.93 27.16 3.34
CA GLY A 121 28.05 26.36 2.89
C GLY A 121 27.70 25.59 1.65
N ASN A 122 27.79 24.27 1.72
CA ASN A 122 27.51 23.40 0.59
C ASN A 122 26.40 22.45 1.00
N PRO A 123 25.21 22.61 0.47
CA PRO A 123 24.10 21.75 0.90
C PRO A 123 24.35 20.30 0.55
N VAL A 124 24.57 19.49 1.58
CA VAL A 124 24.63 18.05 1.40
C VAL A 124 23.29 17.39 1.70
N ASN A 125 22.32 18.15 2.19
CA ASN A 125 20.97 17.65 2.41
C ASN A 125 20.02 18.41 1.52
N ASP A 126 18.84 17.84 1.31
CA ASP A 126 17.78 18.67 0.78
C ASP A 126 17.01 19.30 1.95
N ILE A 127 16.12 20.21 1.62
CA ILE A 127 15.33 20.90 2.65
C ILE A 127 14.45 19.88 3.36
N PRO A 128 14.33 19.92 4.69
CA PRO A 128 13.53 18.91 5.39
C PRO A 128 12.15 18.75 4.76
N SER A 129 11.63 17.54 4.81
CA SER A 129 10.33 17.26 4.19
C SER A 129 9.19 17.73 5.10
N PHE A 130 8.06 18.03 4.47
CA PHE A 130 6.87 18.47 5.20
C PHE A 130 5.69 17.90 4.43
N PRO A 131 5.29 16.65 4.74
CA PRO A 131 4.39 15.91 3.84
C PRO A 131 3.08 16.62 3.55
N GLU A 132 2.49 17.28 4.56
CA GLU A 132 1.17 17.86 4.41
C GLU A 132 1.13 19.05 3.46
N TRP A 133 2.29 19.65 3.13
CA TRP A 133 2.32 20.75 2.16
C TRP A 133 1.62 20.36 0.87
N ASP A 134 1.79 19.10 0.45
CA ASP A 134 1.18 18.57 -0.77
C ASP A 134 -0.23 18.02 -0.55
N ASP A 135 -0.77 18.08 0.67
CA ASP A 135 -2.07 17.50 0.95
C ASP A 135 -3.11 18.60 0.97
N PRO A 136 -3.89 18.77 -0.11
CA PRO A 136 -4.89 19.85 -0.15
C PRO A 136 -6.05 19.65 0.79
N ASN A 137 -6.14 18.53 1.51
CA ASN A 137 -7.13 18.44 2.57
C ASN A 137 -6.77 19.32 3.77
N TYR A 138 -5.55 19.81 3.88
CA TYR A 138 -5.10 20.59 5.02
C TYR A 138 -5.03 22.06 4.67
N HIS A 139 -5.49 22.92 5.59
CA HIS A 139 -5.33 24.36 5.44
C HIS A 139 -3.95 24.76 5.95
N LYS A 140 -3.54 26.01 5.68
CA LYS A 140 -2.22 26.45 6.11
C LYS A 140 -2.27 27.83 6.74
N THR A 141 -1.38 28.04 7.70
CA THR A 141 -1.20 29.37 8.25
C THR A 141 0.22 29.47 8.80
N TYR A 142 0.70 30.71 8.90
CA TYR A 142 2.04 31.03 9.40
C TYR A 142 1.90 31.88 10.65
N THR A 143 2.61 31.50 11.72
CA THR A 143 2.76 32.45 12.82
C THR A 143 3.58 33.64 12.37
N LYS A 144 3.53 34.71 13.17
CA LYS A 144 4.56 35.71 13.04
C LYS A 144 5.90 35.13 13.51
N SER A 145 6.96 35.85 13.21
CA SER A 145 8.25 35.46 13.71
C SER A 145 8.44 35.98 15.13
N TYR A 146 9.23 35.25 15.91
CA TYR A 146 9.52 35.61 17.29
C TYR A 146 11.02 35.77 17.43
N LEU A 147 11.47 36.97 17.79
CA LEU A 147 12.88 37.19 18.09
C LEU A 147 13.14 36.80 19.55
N ILE A 148 14.03 35.84 19.78
CA ILE A 148 14.25 35.27 21.10
C ILE A 148 15.71 35.45 21.46
N GLN A 149 15.96 35.96 22.66
CA GLN A 149 17.32 36.12 23.17
C GLN A 149 17.72 34.87 23.94
N ALA A 150 17.85 33.79 23.19
CA ALA A 150 18.36 32.53 23.71
C ALA A 150 19.04 31.80 22.56
N SER A 151 19.98 30.93 22.91
CA SER A 151 20.59 30.09 21.88
C SER A 151 19.52 29.32 21.10
N PRO A 152 19.69 29.16 19.79
CA PRO A 152 18.71 28.37 19.03
C PRO A 152 18.58 26.95 19.53
N PHE A 153 19.66 26.36 20.03
CA PHE A 153 19.56 25.01 20.59
C PHE A 153 18.79 25.01 21.90
N ARG A 154 18.82 26.11 22.67
CA ARG A 154 17.89 26.22 23.80
C ARG A 154 16.45 26.28 23.31
N VAL A 155 16.21 27.01 22.23
CA VAL A 155 14.85 27.10 21.71
C VAL A 155 14.33 25.73 21.29
N MET A 156 15.16 24.96 20.56
CA MET A 156 14.71 23.64 20.13
C MET A 156 14.60 22.68 21.30
N ASP A 157 15.57 22.72 22.22
CA ASP A 157 15.53 21.88 23.41
C ASP A 157 14.25 22.11 24.18
N ASN A 158 13.85 23.37 24.37
CA ASN A 158 12.63 23.63 25.09
C ASN A 158 11.41 23.06 24.35
N SER A 159 11.42 23.12 23.02
CA SER A 159 10.22 22.68 22.32
C SER A 159 10.04 21.17 22.34
N ILE A 160 11.11 20.39 22.56
CA ILE A 160 10.93 18.94 22.65
C ILE A 160 10.75 18.44 24.08
N ASP A 161 10.82 19.32 25.08
CA ASP A 161 10.77 18.91 26.50
C ASP A 161 9.32 18.89 26.98
N VAL A 162 8.67 17.74 26.84
CA VAL A 162 7.22 17.62 27.09
C VAL A 162 6.83 17.72 28.56
N SER A 163 7.74 17.44 29.50
CA SER A 163 7.35 17.44 30.90
C SER A 163 7.01 18.82 31.45
N HIS A 164 7.36 19.91 30.75
CA HIS A 164 6.98 21.20 31.32
C HIS A 164 5.56 21.61 30.93
N PHE A 165 4.90 20.90 30.02
CA PHE A 165 3.59 21.33 29.52
C PHE A 165 2.59 21.64 30.64
N PRO A 166 2.34 20.76 31.62
CA PRO A 166 1.31 21.07 32.63
C PRO A 166 1.64 22.27 33.51
N PHE A 167 2.87 22.78 33.49
CA PHE A 167 3.22 23.84 34.42
C PHE A 167 3.26 25.23 33.81
N ILE A 168 3.75 25.39 32.59
CA ILE A 168 3.76 26.70 31.97
C ILE A 168 2.80 26.82 30.80
N HIS A 169 2.21 25.71 30.33
CA HIS A 169 1.19 25.74 29.29
C HIS A 169 -0.15 25.23 29.81
N GLU A 170 -0.35 25.35 31.12
CA GLU A 170 -1.59 24.95 31.76
C GLU A 170 -2.79 25.57 31.07
N GLY A 171 -3.62 24.74 30.44
CA GLY A 171 -4.78 25.19 29.70
C GLY A 171 -4.74 24.90 28.22
N ILE A 172 -3.55 24.77 27.63
CA ILE A 172 -3.46 24.49 26.21
C ILE A 172 -2.75 23.16 25.97
N LEU A 173 -1.80 22.79 26.84
CA LEU A 173 -1.03 21.56 26.62
C LEU A 173 -0.90 20.69 27.87
N GLY A 174 -1.56 21.04 28.96
CA GLY A 174 -1.51 20.19 30.12
C GLY A 174 -2.33 20.75 31.26
N ASP A 175 -2.47 19.91 32.30
CA ASP A 175 -3.14 20.25 33.53
C ASP A 175 -2.17 20.04 34.69
N ARG A 176 -2.05 21.04 35.57
CA ARG A 176 -1.20 20.91 36.76
C ARG A 176 -1.56 19.69 37.60
N ASN A 177 -2.81 19.20 37.50
CA ASN A 177 -3.28 18.00 38.19
C ASN A 177 -3.03 16.71 37.41
N HIS A 178 -2.49 16.80 36.20
CA HIS A 178 -2.12 15.63 35.40
C HIS A 178 -0.67 15.79 34.94
N ALA A 179 0.23 15.98 35.90
CA ALA A 179 1.61 16.32 35.58
C ALA A 179 2.51 15.10 35.44
N GLU A 180 2.03 13.92 35.78
CA GLU A 180 2.86 12.73 35.65
C GLU A 180 3.10 12.43 34.17
N VAL A 181 4.32 12.03 33.85
CA VAL A 181 4.77 11.82 32.47
C VAL A 181 5.02 10.35 32.28
N GLU A 182 4.27 9.74 31.35
CA GLU A 182 4.40 8.32 31.04
C GLU A 182 5.74 8.03 30.36
N ASP A 183 6.00 6.74 30.10
CA ASP A 183 7.25 6.35 29.45
C ASP A 183 7.31 6.96 28.05
N LEU A 184 8.31 7.79 27.83
CA LEU A 184 8.55 8.39 26.52
C LEU A 184 9.36 7.43 25.68
N GLU A 185 9.05 7.38 24.39
CA GLU A 185 9.84 6.61 23.44
C GLU A 185 10.56 7.57 22.50
N VAL A 186 11.89 7.58 22.58
CA VAL A 186 12.69 8.50 21.78
C VAL A 186 13.81 7.71 21.11
N LYS A 187 14.11 8.06 19.86
CA LYS A 187 15.05 7.34 19.02
C LYS A 187 15.86 8.35 18.23
N VAL A 188 17.19 8.24 18.31
CA VAL A 188 18.09 9.09 17.51
C VAL A 188 18.75 8.19 16.48
N ASP A 189 18.48 8.48 15.21
CA ASP A 189 18.76 7.63 14.07
C ASP A 189 19.71 8.32 13.09
N LYS A 190 19.86 7.71 11.92
CA LYS A 190 20.31 8.45 10.76
C LYS A 190 19.21 9.33 10.22
N ASP A 191 17.95 9.07 10.59
CA ASP A 191 16.80 9.90 10.27
C ASP A 191 16.61 11.08 11.22
N GLY A 192 17.55 11.31 12.14
CA GLY A 192 17.40 12.33 13.16
C GLY A 192 16.79 11.83 14.44
N LEU A 193 16.10 12.72 15.16
CA LEU A 193 15.49 12.41 16.45
C LEU A 193 13.98 12.30 16.28
N THR A 194 13.41 11.24 16.83
CA THR A 194 11.99 10.96 16.75
C THR A 194 11.47 10.70 18.14
N MET A 195 10.37 11.33 18.52
CA MET A 195 9.69 10.98 19.75
C MET A 195 8.42 10.22 19.39
N GLY A 196 8.18 9.12 20.11
CA GLY A 196 7.02 8.31 19.83
C GLY A 196 5.74 8.98 20.28
N LYS A 197 4.63 8.42 19.79
CA LYS A 197 3.31 8.92 20.13
C LYS A 197 3.12 8.94 21.64
N TYR A 198 2.63 10.08 22.15
CA TYR A 198 2.38 10.17 23.57
C TYR A 198 1.17 11.05 23.83
N GLN A 199 0.47 10.75 24.92
CA GLN A 199 -0.83 11.33 25.24
C GLN A 199 -0.64 12.65 25.97
N VAL A 200 -1.45 13.64 25.59
CA VAL A 200 -1.43 14.97 26.20
C VAL A 200 -2.80 15.23 26.82
N HIS A 201 -2.82 15.68 28.07
CA HIS A 201 -4.07 16.03 28.74
C HIS A 201 -4.23 17.54 28.83
N MET A 214 -5.90 13.36 23.07
CA MET A 214 -5.04 14.04 22.10
C MET A 214 -3.60 13.49 22.08
N VAL A 215 -3.15 13.06 20.91
CA VAL A 215 -1.87 12.34 20.76
C VAL A 215 -0.91 13.19 19.95
N ASN A 216 0.35 13.19 20.35
CA ASN A 216 1.38 14.02 19.73
C ASN A 216 2.60 13.18 19.43
N TRP A 217 3.32 13.55 18.36
CA TRP A 217 4.65 13.01 18.10
C TRP A 217 5.42 13.99 17.22
N PHE A 218 6.73 13.84 17.18
CA PHE A 218 7.52 14.78 16.40
C PHE A 218 8.83 14.14 15.99
N ARG A 219 9.41 14.70 14.93
CA ARG A 219 10.67 14.23 14.39
C ARG A 219 11.49 15.45 14.00
N LEU A 220 12.77 15.40 14.32
CA LEU A 220 13.73 16.40 13.87
C LEU A 220 14.72 15.71 12.92
N SER A 221 14.58 15.98 11.61
CA SER A 221 15.58 15.43 10.69
C SER A 221 16.91 16.15 10.85
N HIS A 222 16.89 17.40 11.26
CA HIS A 222 18.08 18.20 11.53
C HIS A 222 17.86 18.98 12.81
N PRO A 223 18.94 19.47 13.44
CA PRO A 223 18.85 19.97 14.82
C PRO A 223 17.93 21.17 15.04
N LEU A 224 17.65 21.99 14.02
CA LEU A 224 16.94 23.23 14.21
C LEU A 224 15.67 23.30 13.38
N CYS A 225 15.21 22.15 12.91
CA CYS A 225 13.94 22.05 12.21
C CYS A 225 13.16 20.89 12.80
N GLN A 226 11.88 21.11 13.10
CA GLN A 226 11.08 20.11 13.76
C GLN A 226 9.73 19.98 13.06
N TYR A 227 9.33 18.74 12.86
CA TYR A 227 8.04 18.39 12.29
C TYR A 227 7.21 17.77 13.40
N CYS A 228 6.04 18.31 13.64
CA CYS A 228 5.27 17.92 14.80
C CYS A 228 3.84 17.62 14.37
N SER A 229 3.28 16.55 14.91
CA SER A 229 1.99 16.02 14.48
C SER A 229 1.12 15.77 15.70
N THR A 230 -0.09 16.37 15.71
CA THR A 230 -1.01 16.29 16.85
C THR A 230 -2.38 15.84 16.37
N GLU A 231 -2.90 14.76 16.95
CA GLU A 231 -4.20 14.23 16.55
C GLU A 231 -5.18 14.34 17.71
N ALA A 232 -6.26 15.08 17.49
CA ALA A 232 -7.39 15.14 18.40
C ALA A 232 -8.43 14.13 17.92
N SER A 233 -9.58 14.11 18.60
CA SER A 233 -10.65 13.22 18.17
C SER A 233 -11.15 13.60 16.78
N GLU A 234 -11.23 14.90 16.51
CA GLU A 234 -11.92 15.38 15.32
C GLU A 234 -11.00 16.08 14.32
N MET A 235 -9.68 16.09 14.54
CA MET A 235 -8.84 16.92 13.70
C MET A 235 -7.37 16.58 13.87
N ARG A 236 -6.63 16.64 12.78
CA ARG A 236 -5.18 16.51 12.81
C ARG A 236 -4.52 17.86 12.54
N THR A 237 -3.55 18.22 13.37
CA THR A 237 -2.74 19.41 13.18
C THR A 237 -1.28 19.01 13.07
N VAL A 238 -0.59 19.58 12.08
CA VAL A 238 0.84 19.37 11.93
C VAL A 238 1.48 20.75 11.84
N ASP A 239 2.74 20.84 12.24
CA ASP A 239 3.45 22.06 11.93
C ASP A 239 4.91 21.75 11.67
N LEU A 240 5.53 22.67 10.94
CA LEU A 240 6.97 22.72 10.75
C LEU A 240 7.50 23.89 11.58
N MET A 241 8.31 23.58 12.56
CA MET A 241 8.90 24.57 13.45
C MET A 241 10.33 24.80 13.00
N VAL A 242 10.66 26.03 12.64
CA VAL A 242 11.99 26.35 12.13
C VAL A 242 12.61 27.43 12.99
N VAL A 243 13.84 27.17 13.43
CA VAL A 243 14.63 28.09 14.24
C VAL A 243 15.75 28.65 13.37
N THR A 244 15.77 29.98 13.21
CA THR A 244 16.86 30.65 12.53
C THR A 244 17.97 30.90 13.55
N PRO A 245 19.14 30.31 13.39
CA PRO A 245 20.21 30.59 14.34
C PRO A 245 20.90 31.91 14.02
N ILE A 246 20.42 33.01 14.62
CA ILE A 246 21.01 34.33 14.36
C ILE A 246 22.49 34.32 14.72
N ASP A 247 22.81 33.87 15.92
CA ASP A 247 24.19 33.61 16.33
C ASP A 247 24.13 32.63 17.50
N GLU A 248 25.15 32.67 18.35
CA GLU A 248 25.18 31.69 19.43
C GLU A 248 24.12 31.97 20.49
N ASP A 249 23.61 33.20 20.59
CA ASP A 249 22.79 33.59 21.74
C ASP A 249 21.41 34.12 21.35
N ASN A 250 21.05 34.09 20.07
CA ASN A 250 19.84 34.73 19.58
C ASN A 250 19.22 33.87 18.49
N SER A 251 17.89 33.82 18.44
CA SER A 251 17.16 32.94 17.54
C SER A 251 15.95 33.67 16.98
N VAL A 252 15.53 33.28 15.78
CA VAL A 252 14.19 33.60 15.30
C VAL A 252 13.41 32.30 15.24
N LEU A 253 12.18 32.34 15.76
CA LEU A 253 11.29 31.18 15.75
C LEU A 253 10.10 31.46 14.83
N ARG A 254 9.75 30.46 14.01
CA ARG A 254 8.63 30.53 13.08
C ARG A 254 7.99 29.16 12.99
N TYR A 255 6.66 29.16 12.80
CA TYR A 255 5.88 27.96 12.56
C TYR A 255 5.09 28.08 11.26
N LEU A 256 5.11 27.02 10.48
CA LEU A 256 4.15 26.76 9.43
C LEU A 256 3.19 25.71 9.97
N ILE A 257 1.91 26.05 10.11
CA ILE A 257 0.90 25.18 10.71
C ILE A 257 -0.10 24.76 9.65
N MET A 258 -0.46 23.48 9.66
CA MET A 258 -1.46 22.93 8.75
C MET A 258 -2.45 22.06 9.52
N TRP A 259 -3.72 22.12 9.13
CA TRP A 259 -4.75 21.38 9.85
C TRP A 259 -5.87 21.03 8.88
N ASN A 260 -6.51 19.87 9.10
CA ASN A 260 -7.58 19.39 8.22
C ASN A 260 -8.97 19.65 8.78
N GLY A 261 -9.11 20.52 9.77
CA GLY A 261 -10.40 20.90 10.31
C GLY A 261 -10.90 22.14 9.60
N SER A 262 -11.90 22.77 10.20
CA SER A 262 -12.49 23.95 9.58
C SER A 262 -11.44 25.04 9.37
N LYS A 263 -11.54 25.74 8.24
CA LYS A 263 -10.64 26.85 7.98
C LYS A 263 -10.88 28.03 8.91
N THR A 264 -12.09 28.12 9.51
CA THR A 264 -12.39 29.20 10.43
C THR A 264 -11.65 29.07 11.77
N LEU A 265 -11.00 27.94 12.04
CA LEU A 265 -10.24 27.77 13.27
C LEU A 265 -8.90 28.51 13.26
N GLU A 266 -8.59 29.23 12.19
CA GLU A 266 -7.23 29.73 11.99
C GLU A 266 -6.81 30.69 13.09
N SER A 267 -7.69 31.64 13.42
CA SER A 267 -7.32 32.66 14.39
C SER A 267 -7.19 32.10 15.79
N LYS A 268 -8.02 31.09 16.12
CA LYS A 268 -7.87 30.43 17.42
C LYS A 268 -6.56 29.67 17.51
N ILE A 269 -6.24 28.92 16.46
CA ILE A 269 -4.96 28.21 16.39
C ILE A 269 -3.80 29.16 16.63
N LEU A 270 -3.78 30.28 15.89
CA LEU A 270 -2.70 31.26 16.03
C LEU A 270 -2.65 31.85 17.44
N ALA A 271 -3.81 32.14 18.03
CA ALA A 271 -3.85 32.63 19.41
C ALA A 271 -3.24 31.61 20.35
N ASP A 272 -3.64 30.35 20.21
CA ASP A 272 -3.10 29.28 21.05
C ASP A 272 -1.58 29.20 20.91
N TYR A 273 -1.07 29.21 19.66
CA TYR A 273 0.39 29.15 19.46
C TYR A 273 1.07 30.35 20.10
N ASP A 274 0.56 31.56 19.83
CA ASP A 274 1.18 32.75 20.41
C ASP A 274 1.23 32.67 21.95
N GLN A 275 0.16 32.19 22.57
CA GLN A 275 0.18 32.08 24.02
C GLN A 275 1.22 31.06 24.48
N VAL A 276 1.29 29.91 23.82
CA VAL A 276 2.27 28.89 24.21
C VAL A 276 3.69 29.41 23.99
N ILE A 277 3.92 30.09 22.87
CA ILE A 277 5.27 30.58 22.57
C ILE A 277 5.68 31.64 23.59
N GLU A 278 4.77 32.54 23.97
CA GLU A 278 5.16 33.58 24.91
C GLU A 278 5.46 33.01 26.28
N GLU A 279 4.71 32.00 26.71
CA GLU A 279 5.05 31.31 27.95
C GLU A 279 6.43 30.68 27.86
N ASP A 280 6.77 30.09 26.71
CA ASP A 280 8.10 29.51 26.57
C ASP A 280 9.18 30.60 26.57
N ILE A 281 8.92 31.73 25.92
CA ILE A 281 9.93 32.78 25.84
C ILE A 281 10.26 33.31 27.23
N ARG A 282 9.23 33.48 28.06
CA ARG A 282 9.45 33.89 29.45
C ARG A 282 10.48 32.98 30.14
N ILE A 283 10.38 31.67 29.94
CA ILE A 283 11.36 30.76 30.53
C ILE A 283 12.71 30.86 29.80
N LEU A 284 12.71 30.80 28.46
CA LEU A 284 13.97 30.80 27.70
C LEU A 284 14.81 32.04 28.03
N HIS A 285 14.17 33.20 28.10
CA HIS A 285 14.88 34.45 28.38
C HIS A 285 15.58 34.42 29.72
N SER A 286 15.05 33.67 30.70
CA SER A 286 15.63 33.66 32.04
C SER A 286 16.62 32.54 32.28
N GLN A 287 16.77 31.61 31.34
CA GLN A 287 17.55 30.42 31.59
C GLN A 287 19.04 30.73 31.58
N GLN A 288 19.79 30.05 32.44
CA GLN A 288 21.22 30.30 32.51
C GLN A 288 22.01 28.99 32.56
N PRO A 289 23.10 28.90 31.80
CA PRO A 289 23.56 29.94 30.87
C PRO A 289 22.67 30.01 29.63
N THR A 290 22.84 31.04 28.77
CA THR A 290 21.94 31.18 27.64
C THR A 290 22.21 30.17 26.54
N ARG A 291 23.39 29.55 26.51
CA ARG A 291 23.72 28.50 25.56
C ARG A 291 23.39 27.14 26.15
N LEU A 292 23.04 26.20 25.29
CA LEU A 292 22.58 24.88 25.75
C LEU A 292 23.75 24.06 26.26
N PRO A 293 23.79 23.66 27.54
CA PRO A 293 24.87 22.80 28.03
C PRO A 293 24.71 21.39 27.47
N LEU A 294 25.78 20.88 26.89
CA LEU A 294 25.82 19.47 26.52
C LEU A 294 26.29 18.67 27.74
N LEU A 295 26.34 17.34 27.60
CA LEU A 295 26.68 16.49 28.75
C LEU A 295 28.20 16.33 28.92
N PRO A 306 26.19 25.01 38.08
CA PRO A 306 26.16 23.55 38.27
C PRO A 306 25.42 22.81 37.15
N GLN A 307 25.87 21.59 36.84
CA GLN A 307 25.37 20.86 35.70
C GLN A 307 23.90 20.49 35.89
N GLU A 308 23.24 20.16 34.78
CA GLU A 308 21.83 19.82 34.81
C GLU A 308 21.63 18.37 35.29
N ILE A 309 20.54 18.15 36.02
CA ILE A 309 20.16 16.83 36.55
C ILE A 309 19.19 16.19 35.57
N HIS A 310 19.18 14.86 35.49
CA HIS A 310 18.31 14.15 34.54
C HIS A 310 17.44 13.15 35.26
N VAL A 311 16.14 13.22 35.00
CA VAL A 311 15.19 12.23 35.46
C VAL A 311 14.64 11.54 34.21
N PRO A 312 13.87 10.47 34.33
CA PRO A 312 13.47 9.73 33.10
C PRO A 312 12.64 10.56 32.13
N SER A 313 11.79 11.45 32.64
CA SER A 313 10.99 12.30 31.74
C SER A 313 11.84 13.34 31.03
N ASP A 314 13.13 13.40 31.33
CA ASP A 314 14.06 14.16 30.50
C ASP A 314 14.56 13.34 29.30
N ARG A 315 13.93 12.19 29.01
CA ARG A 315 14.47 11.30 27.98
C ARG A 315 14.72 12.04 26.66
N CYS A 316 13.74 12.81 26.18
CA CYS A 316 13.88 13.42 24.86
C CYS A 316 14.93 14.53 24.86
N THR A 317 15.02 15.28 25.96
CA THR A 317 15.96 16.39 25.99
C THR A 317 17.39 15.90 26.17
N VAL A 318 17.59 14.77 26.87
CA VAL A 318 18.91 14.17 26.99
C VAL A 318 19.37 13.62 25.65
N ALA A 319 18.47 12.91 24.96
CA ALA A 319 18.78 12.39 23.64
C ALA A 319 19.17 13.52 22.68
N TYR A 320 18.50 14.68 22.79
CA TYR A 320 18.83 15.80 21.90
C TYR A 320 20.22 16.33 22.19
N ARG A 321 20.57 16.47 23.46
CA ARG A 321 21.90 16.94 23.84
C ARG A 321 22.98 15.97 23.38
N ARG A 322 22.69 14.67 23.48
CA ARG A 322 23.67 13.67 23.05
C ARG A 322 23.85 13.73 21.54
N TRP A 323 22.75 13.90 20.81
CA TRP A 323 22.78 14.10 19.36
C TRP A 323 23.67 15.27 18.97
N LEU A 324 23.45 16.45 19.57
CA LEU A 324 24.31 17.59 19.24
C LEU A 324 25.79 17.28 19.49
N LYS A 325 26.10 16.59 20.59
CA LYS A 325 27.47 16.20 20.88
C LYS A 325 28.01 15.25 19.82
N GLU A 326 27.22 14.22 19.48
CA GLU A 326 27.62 13.28 18.42
C GLU A 326 27.87 14.00 17.10
N LEU A 327 27.03 14.98 16.75
CA LEU A 327 27.17 15.75 15.52
C LEU A 327 28.38 16.67 15.54
N GLY A 328 28.98 16.92 16.71
CA GLY A 328 30.09 17.86 16.80
C GLY A 328 29.70 19.33 16.89
N VAL A 329 28.53 19.63 17.42
CA VAL A 329 28.07 21.01 17.47
C VAL A 329 28.79 21.72 18.61
N THR A 330 29.48 22.81 18.30
CA THR A 330 30.08 23.64 19.36
C THR A 330 29.56 25.07 19.36
N TYR A 331 28.86 25.48 18.31
CA TYR A 331 28.32 26.83 18.18
C TYR A 331 26.96 26.88 18.89
N GLY A 332 26.79 27.84 19.78
CA GLY A 332 25.54 27.98 20.52
C GLY A 332 25.35 27.01 21.66
N VAL A 333 26.36 26.22 22.03
CA VAL A 333 26.18 25.24 23.08
C VAL A 333 27.20 25.44 24.17
N CYS A 334 26.92 24.80 25.29
CA CYS A 334 27.63 24.79 26.56
C CYS A 334 27.62 26.13 27.27
N THR B 2 15.51 -28.89 12.10
CA THR B 2 15.60 -28.67 10.67
C THR B 2 16.66 -29.59 10.03
N THR B 3 16.20 -30.60 9.30
CA THR B 3 17.09 -31.45 8.54
C THR B 3 17.41 -30.86 7.16
N ALA B 4 17.21 -29.55 6.99
CA ALA B 4 17.48 -28.91 5.71
C ALA B 4 18.98 -28.93 5.41
N ASP B 5 19.30 -29.06 4.13
CA ASP B 5 20.68 -29.00 3.69
C ASP B 5 21.29 -27.64 4.03
N LEU B 6 22.61 -27.63 4.17
CA LEU B 6 23.28 -26.41 4.59
C LEU B 6 23.12 -25.30 3.55
N ILE B 7 23.12 -25.66 2.27
CA ILE B 7 22.98 -24.65 1.23
C ILE B 7 21.59 -24.01 1.27
N LEU B 8 20.57 -24.70 1.79
CA LEU B 8 19.27 -24.08 1.99
C LEU B 8 19.26 -23.20 3.23
N ILE B 9 19.83 -23.69 4.34
CA ILE B 9 19.85 -22.94 5.59
C ILE B 9 20.53 -21.59 5.41
N ASN B 10 21.57 -21.52 4.59
CA ASN B 10 22.32 -20.27 4.44
C ASN B 10 21.80 -19.38 3.33
N ASN B 11 20.66 -19.70 2.72
CA ASN B 11 20.06 -18.79 1.76
C ASN B 11 19.01 -17.89 2.42
N TRP B 12 18.67 -16.81 1.72
CA TRP B 12 17.59 -15.90 2.10
C TRP B 12 16.24 -16.40 1.58
N TYR B 13 15.20 -16.21 2.39
CA TYR B 13 13.83 -16.52 1.98
C TYR B 13 12.89 -15.46 2.49
N VAL B 14 11.79 -15.26 1.76
CA VAL B 14 10.71 -14.36 2.19
C VAL B 14 9.76 -15.15 3.08
N VAL B 15 9.40 -14.58 4.22
CA VAL B 15 8.45 -15.20 5.14
C VAL B 15 7.22 -14.35 5.37
N ALA B 16 7.19 -13.10 4.91
CA ALA B 16 6.06 -12.20 5.10
C ALA B 16 6.20 -11.01 4.17
N LYS B 17 5.09 -10.33 3.94
CA LYS B 17 5.11 -8.97 3.42
C LYS B 17 5.23 -7.99 4.58
N VAL B 18 5.91 -6.87 4.33
CA VAL B 18 6.06 -5.86 5.37
C VAL B 18 4.71 -5.31 5.79
N GLU B 19 3.77 -5.22 4.84
CA GLU B 19 2.42 -4.76 5.18
C GLU B 19 1.71 -5.70 6.15
N ASP B 20 2.10 -6.99 6.21
CA ASP B 20 1.58 -7.95 7.19
C ASP B 20 2.14 -7.71 8.60
N CYS B 21 3.21 -6.92 8.75
CA CYS B 21 3.91 -6.77 10.04
C CYS B 21 3.80 -5.33 10.51
N ARG B 22 2.65 -4.99 11.07
CA ARG B 22 2.42 -3.65 11.59
C ARG B 22 3.26 -3.41 12.85
N PRO B 23 3.62 -2.16 13.11
CA PRO B 23 4.24 -1.82 14.40
C PRO B 23 3.38 -2.31 15.56
N GLY B 24 4.04 -2.89 16.55
CA GLY B 24 3.36 -3.52 17.66
C GLY B 24 2.80 -4.91 17.39
N SER B 25 2.91 -5.43 16.16
CA SER B 25 2.28 -6.69 15.85
C SER B 25 3.17 -7.87 16.24
N ILE B 26 2.53 -9.02 16.41
CA ILE B 26 3.17 -10.32 16.52
C ILE B 26 2.51 -11.24 15.51
N THR B 27 3.31 -11.82 14.62
CA THR B 27 2.82 -12.81 13.69
C THR B 27 3.76 -14.01 13.71
N THR B 28 3.34 -15.10 13.09
CA THR B 28 4.14 -16.31 13.04
C THR B 28 4.43 -16.69 11.60
N ALA B 29 5.51 -17.45 11.42
CA ALA B 29 5.82 -18.04 10.14
C ALA B 29 6.50 -19.38 10.39
N HIS B 30 6.70 -20.12 9.30
N HIS B 30 6.68 -20.14 9.31
CA HIS B 30 7.35 -21.43 9.36
CA HIS B 30 7.37 -21.42 9.37
C HIS B 30 8.34 -21.50 8.19
C HIS B 30 8.34 -21.49 8.20
N LEU B 31 9.57 -21.88 8.49
CA LEU B 31 10.64 -21.88 7.50
C LEU B 31 11.53 -23.08 7.75
N LEU B 32 11.63 -23.98 6.77
CA LEU B 32 12.54 -25.13 6.82
C LEU B 32 12.34 -25.92 8.10
N GLY B 33 11.09 -26.03 8.55
CA GLY B 33 10.75 -26.76 9.73
C GLY B 33 10.84 -25.97 11.01
N VAL B 34 11.40 -24.77 10.97
CA VAL B 34 11.54 -23.95 12.18
C VAL B 34 10.32 -23.07 12.33
N LYS B 35 9.72 -23.07 13.53
CA LYS B 35 8.65 -22.12 13.85
C LYS B 35 9.23 -20.77 14.20
N LEU B 36 8.69 -19.72 13.56
CA LEU B 36 9.20 -18.37 13.72
C LEU B 36 8.16 -17.47 14.36
N VAL B 37 8.64 -16.52 15.14
CA VAL B 37 7.85 -15.39 15.62
C VAL B 37 8.44 -14.12 15.01
N LEU B 38 7.58 -13.26 14.50
CA LEU B 38 7.95 -11.97 13.97
C LEU B 38 7.25 -10.90 14.79
N TRP B 39 8.00 -9.89 15.24
CA TRP B 39 7.38 -8.87 16.06
C TRP B 39 8.08 -7.53 15.86
N ARG B 40 7.40 -6.46 16.28
CA ARG B 40 7.88 -5.10 16.09
C ARG B 40 7.43 -4.22 17.25
N SER B 41 8.27 -3.24 17.58
CA SER B 41 7.89 -2.18 18.53
C SER B 41 6.73 -1.36 17.96
N HIS B 42 6.03 -0.66 18.87
CA HIS B 42 4.93 0.21 18.47
C HIS B 42 5.41 1.48 17.78
N GLU B 43 6.70 1.80 17.85
CA GLU B 43 7.22 2.97 17.13
C GLU B 43 7.06 2.78 15.63
N GLN B 44 6.74 3.86 14.93
CA GLN B 44 6.71 3.86 13.47
C GLN B 44 8.09 3.56 12.92
N ASN B 45 8.13 2.71 11.88
CA ASN B 45 9.37 2.24 11.28
C ASN B 45 10.29 1.59 12.33
N SER B 46 9.70 0.83 13.25
CA SER B 46 10.52 -0.01 14.10
C SER B 46 11.03 -1.21 13.30
N PRO B 47 12.23 -1.69 13.61
CA PRO B 47 12.74 -2.87 12.90
C PRO B 47 11.96 -4.12 13.22
N ILE B 48 12.10 -5.13 12.36
CA ILE B 48 11.42 -6.41 12.54
C ILE B 48 12.39 -7.42 13.13
N GLN B 49 11.99 -8.09 14.20
CA GLN B 49 12.74 -9.22 14.74
C GLN B 49 12.14 -10.53 14.25
N VAL B 50 13.01 -11.49 13.95
CA VAL B 50 12.58 -12.83 13.54
C VAL B 50 13.31 -13.82 14.42
N TRP B 51 12.55 -14.51 15.29
CA TRP B 51 13.11 -15.44 16.26
C TRP B 51 12.46 -16.79 16.13
N GLN B 52 13.15 -17.82 16.60
CA GLN B 52 12.49 -19.08 16.88
C GLN B 52 11.37 -18.84 17.90
N ASP B 53 10.21 -19.45 17.65
CA ASP B 53 8.99 -19.14 18.41
C ASP B 53 9.02 -20.01 19.67
N TYR B 54 9.85 -19.60 20.63
CA TYR B 54 10.25 -20.51 21.70
C TYR B 54 10.82 -19.72 22.87
N CYS B 55 10.15 -19.75 23.99
CA CYS B 55 10.74 -19.13 25.16
C CYS B 55 11.71 -20.11 25.82
N PRO B 56 12.96 -19.72 26.06
CA PRO B 56 13.93 -20.66 26.64
C PRO B 56 13.59 -21.09 28.07
N HIS B 57 12.65 -20.44 28.78
CA HIS B 57 12.40 -20.81 30.17
C HIS B 57 11.63 -22.13 30.26
N ARG B 58 10.40 -22.17 29.76
CA ARG B 58 9.60 -23.40 29.81
C ARG B 58 8.98 -23.75 28.46
N GLY B 59 9.53 -23.22 27.37
CA GLY B 59 9.14 -23.67 26.04
C GLY B 59 7.82 -23.18 25.52
N VAL B 60 7.29 -22.09 26.06
CA VAL B 60 6.06 -21.49 25.56
C VAL B 60 6.38 -20.75 24.26
N PRO B 61 5.50 -20.77 23.26
CA PRO B 61 5.71 -19.88 22.09
C PRO B 61 5.66 -18.43 22.51
N LEU B 62 6.75 -17.70 22.21
CA LEU B 62 6.75 -16.26 22.43
C LEU B 62 5.65 -15.56 21.63
N SER B 63 5.23 -16.14 20.50
CA SER B 63 4.14 -15.53 19.74
C SER B 63 2.84 -15.39 20.53
N MET B 64 2.71 -16.05 21.69
CA MET B 64 1.53 -15.90 22.53
C MET B 64 1.66 -14.75 23.50
N GLY B 65 2.73 -13.98 23.40
CA GLY B 65 3.01 -12.90 24.32
C GLY B 65 2.45 -11.57 23.86
N GLU B 66 3.09 -10.50 24.32
CA GLU B 66 2.70 -9.15 23.95
C GLU B 66 3.93 -8.29 23.80
N VAL B 67 3.89 -7.37 22.85
CA VAL B 67 4.95 -6.38 22.70
C VAL B 67 4.67 -5.26 23.69
N ALA B 68 5.70 -4.87 24.46
CA ALA B 68 5.60 -3.76 25.41
C ALA B 68 6.97 -3.13 25.62
N ASN B 69 7.02 -1.79 25.53
CA ASN B 69 8.22 -1.01 25.84
C ASN B 69 9.43 -1.53 25.06
N ASN B 70 9.22 -1.84 23.78
CA ASN B 70 10.27 -2.35 22.90
C ASN B 70 10.78 -3.72 23.32
N THR B 71 9.96 -4.51 24.00
CA THR B 71 10.34 -5.88 24.33
C THR B 71 9.18 -6.81 24.05
N LEU B 72 9.52 -8.07 23.85
CA LEU B 72 8.54 -9.15 23.73
C LEU B 72 8.45 -9.87 25.06
N VAL B 73 7.25 -9.98 25.60
CA VAL B 73 7.02 -10.49 26.94
C VAL B 73 6.35 -11.84 26.87
N CYS B 74 7.03 -12.85 27.37
CA CYS B 74 6.45 -14.18 27.41
C CYS B 74 5.22 -14.22 28.33
N PRO B 75 4.13 -14.88 27.94
CA PRO B 75 2.94 -14.87 28.79
C PRO B 75 3.03 -15.79 30.01
N TYR B 76 3.94 -16.77 30.04
CA TYR B 76 3.90 -17.77 31.10
C TYR B 76 4.39 -17.18 32.42
N HIS B 77 5.63 -16.67 32.44
CA HIS B 77 6.20 -16.04 33.63
C HIS B 77 6.68 -14.61 33.39
N GLY B 78 6.28 -13.99 32.27
CA GLY B 78 6.50 -12.57 32.06
C GLY B 78 7.92 -12.11 31.80
N TRP B 79 8.83 -13.02 31.47
CA TRP B 79 10.18 -12.58 31.08
C TRP B 79 10.12 -11.68 29.85
N ARG B 80 10.95 -10.65 29.86
CA ARG B 80 10.99 -9.64 28.81
C ARG B 80 12.29 -9.76 28.03
N TYR B 81 12.18 -9.85 26.71
CA TYR B 81 13.32 -9.96 25.82
C TYR B 81 13.41 -8.69 24.97
N ASN B 82 14.60 -8.10 24.88
CA ASN B 82 14.79 -6.88 24.09
C ASN B 82 14.94 -7.21 22.60
N GLN B 83 15.17 -6.17 21.78
CA GLN B 83 15.21 -6.36 20.33
C GLN B 83 16.35 -7.27 19.89
N ALA B 84 17.38 -7.42 20.72
CA ALA B 84 18.40 -8.44 20.47
C ALA B 84 18.02 -9.81 21.03
N GLY B 85 16.86 -9.92 21.67
CA GLY B 85 16.45 -11.22 22.19
C GLY B 85 17.13 -11.64 23.47
N LYS B 86 17.77 -10.71 24.18
CA LYS B 86 18.29 -10.99 25.50
C LYS B 86 17.22 -10.68 26.55
N CYS B 87 17.06 -11.59 27.50
CA CYS B 87 16.10 -11.34 28.57
C CYS B 87 16.60 -10.20 29.47
N VAL B 88 15.75 -9.20 29.69
CA VAL B 88 16.12 -8.03 30.47
C VAL B 88 15.39 -7.93 31.80
N GLN B 89 14.41 -8.79 32.06
CA GLN B 89 13.62 -8.68 33.29
C GLN B 89 12.99 -10.03 33.59
N ILE B 90 13.31 -10.57 34.77
CA ILE B 90 12.60 -11.74 35.31
C ILE B 90 11.73 -11.25 36.45
N PRO B 91 10.41 -11.12 36.24
CA PRO B 91 9.57 -10.48 37.27
C PRO B 91 9.52 -11.21 38.60
N ALA B 92 9.76 -12.53 38.63
CA ALA B 92 9.83 -13.22 39.91
C ALA B 92 11.01 -12.75 40.77
N HIS B 93 12.07 -12.29 40.13
CA HIS B 93 13.29 -11.85 40.82
C HIS B 93 13.71 -10.52 40.23
N PRO B 94 12.97 -9.45 40.54
CA PRO B 94 13.11 -8.20 39.77
C PRO B 94 14.43 -7.47 39.97
N ASP B 95 15.22 -7.82 40.97
CA ASP B 95 16.55 -7.24 41.15
C ASP B 95 17.67 -8.14 40.62
N MET B 96 17.32 -9.29 40.07
CA MET B 96 18.30 -10.28 39.62
C MET B 96 18.66 -10.04 38.15
N VAL B 97 19.88 -10.41 37.80
CA VAL B 97 20.37 -10.30 36.43
C VAL B 97 20.03 -11.60 35.71
N PRO B 98 19.28 -11.55 34.60
CA PRO B 98 18.95 -12.79 33.87
C PRO B 98 20.22 -13.52 33.46
N PRO B 99 20.27 -14.84 33.65
CA PRO B 99 21.43 -15.61 33.20
C PRO B 99 21.68 -15.43 31.71
N ALA B 100 22.94 -15.59 31.31
CA ALA B 100 23.31 -15.36 29.92
C ALA B 100 22.54 -16.25 28.96
N SER B 101 22.14 -17.44 29.43
CA SER B 101 21.36 -18.39 28.64
C SER B 101 19.91 -17.96 28.40
N ALA B 102 19.43 -16.92 29.08
CA ALA B 102 18.09 -16.40 28.85
C ALA B 102 18.15 -15.46 27.64
N GLN B 103 18.15 -16.09 26.46
CA GLN B 103 18.39 -15.43 25.18
C GLN B 103 17.57 -16.14 24.11
N ALA B 104 16.74 -15.39 23.39
CA ALA B 104 15.98 -16.02 22.31
C ALA B 104 16.92 -16.42 21.18
N LYS B 105 16.54 -17.43 20.42
CA LYS B 105 17.29 -17.79 19.22
C LYS B 105 16.86 -16.85 18.09
N THR B 106 17.73 -15.91 17.73
CA THR B 106 17.40 -14.90 16.73
C THR B 106 17.96 -15.29 15.37
N TYR B 107 17.31 -14.77 14.31
CA TYR B 107 17.70 -15.04 12.94
C TYR B 107 17.94 -13.74 12.20
N HIS B 108 18.72 -13.82 11.13
CA HIS B 108 18.93 -12.63 10.30
C HIS B 108 17.65 -12.26 9.59
N CYS B 109 17.36 -10.96 9.58
CA CYS B 109 16.18 -10.42 8.92
C CYS B 109 16.55 -9.16 8.15
N GLN B 110 15.96 -9.01 6.96
CA GLN B 110 16.09 -7.79 6.16
C GLN B 110 14.75 -7.49 5.50
N GLU B 111 14.37 -6.22 5.49
CA GLU B 111 13.26 -5.76 4.67
C GLU B 111 13.79 -5.29 3.33
N ARG B 112 13.17 -5.77 2.26
CA ARG B 112 13.65 -5.45 0.91
C ARG B 112 12.51 -5.70 -0.07
N TYR B 113 12.20 -4.68 -0.88
CA TYR B 113 11.09 -4.72 -1.83
C TYR B 113 9.74 -4.88 -1.15
N GLY B 114 9.61 -4.37 0.07
CA GLY B 114 8.38 -4.55 0.82
C GLY B 114 8.15 -5.97 1.31
N LEU B 115 9.20 -6.75 1.41
CA LEU B 115 9.14 -8.15 1.79
C LEU B 115 10.10 -8.39 2.95
N VAL B 116 9.75 -9.33 3.82
CA VAL B 116 10.57 -9.67 4.97
C VAL B 116 11.40 -10.88 4.59
N TRP B 117 12.70 -10.69 4.46
CA TRP B 117 13.62 -11.77 4.13
C TRP B 117 14.29 -12.28 5.40
N VAL B 118 14.49 -13.58 5.47
CA VAL B 118 15.01 -14.24 6.66
C VAL B 118 16.02 -15.29 6.23
N CYS B 119 17.12 -15.40 6.98
CA CYS B 119 18.14 -16.43 6.77
C CYS B 119 18.37 -17.16 8.07
N LEU B 120 18.16 -18.47 8.06
CA LEU B 120 18.26 -19.21 9.32
C LEU B 120 19.71 -19.46 9.73
N GLY B 121 20.62 -19.54 8.77
CA GLY B 121 22.02 -19.74 9.08
C GLY B 121 22.80 -18.45 8.97
N ASN B 122 23.87 -18.45 8.17
CA ASN B 122 24.67 -17.25 7.96
C ASN B 122 24.66 -16.91 6.49
N PRO B 123 24.23 -15.72 6.11
CA PRO B 123 23.95 -15.41 4.69
C PRO B 123 25.22 -15.44 3.86
N VAL B 124 25.25 -16.29 2.85
CA VAL B 124 26.36 -16.29 1.92
C VAL B 124 26.02 -15.58 0.63
N ASN B 125 24.77 -15.16 0.43
CA ASN B 125 24.37 -14.41 -0.74
C ASN B 125 23.64 -13.17 -0.31
N ASP B 126 23.52 -12.20 -1.23
CA ASP B 126 22.65 -11.07 -1.00
C ASP B 126 21.20 -11.44 -1.31
N ILE B 127 20.27 -10.62 -0.82
CA ILE B 127 18.89 -10.78 -1.27
C ILE B 127 18.87 -10.60 -2.78
N PRO B 128 18.08 -11.35 -3.54
CA PRO B 128 18.13 -11.24 -4.99
C PRO B 128 17.86 -9.83 -5.47
N SER B 129 18.49 -9.50 -6.59
CA SER B 129 18.33 -8.18 -7.19
C SER B 129 16.99 -8.08 -7.90
N PHE B 130 16.46 -6.86 -7.97
CA PHE B 130 15.20 -6.60 -8.65
C PHE B 130 15.29 -5.22 -9.27
N PRO B 131 15.73 -5.15 -10.53
CA PRO B 131 16.10 -3.84 -11.11
C PRO B 131 14.97 -2.81 -11.12
N GLU B 132 13.75 -3.21 -11.47
CA GLU B 132 12.68 -2.23 -11.65
C GLU B 132 12.20 -1.58 -10.36
N TRP B 133 12.67 -2.04 -9.19
CA TRP B 133 12.13 -1.56 -7.92
C TRP B 133 12.20 -0.03 -7.78
N ASP B 134 13.27 0.59 -8.24
CA ASP B 134 13.41 2.04 -8.11
C ASP B 134 13.14 2.80 -9.41
N ASP B 135 12.58 2.14 -10.42
CA ASP B 135 12.20 2.82 -11.66
C ASP B 135 10.83 3.46 -11.47
N PRO B 136 10.75 4.78 -11.49
CA PRO B 136 9.44 5.44 -11.27
C PRO B 136 8.45 5.31 -12.43
N ASN B 137 8.87 4.77 -13.57
CA ASN B 137 7.90 4.45 -14.61
C ASN B 137 7.10 3.19 -14.30
N TYR B 138 7.52 2.40 -13.32
CA TYR B 138 6.83 1.16 -12.97
C TYR B 138 5.96 1.36 -11.74
N HIS B 139 4.70 0.94 -11.84
CA HIS B 139 3.84 0.75 -10.68
C HIS B 139 4.17 -0.59 -10.00
N LYS B 140 3.66 -0.77 -8.77
CA LYS B 140 3.88 -2.05 -8.10
C LYS B 140 2.60 -2.54 -7.42
N THR B 141 2.55 -3.85 -7.20
CA THR B 141 1.46 -4.47 -6.46
C THR B 141 1.96 -5.80 -5.91
N TYR B 142 1.20 -6.36 -4.97
CA TYR B 142 1.56 -7.64 -4.37
C TYR B 142 0.37 -8.58 -4.44
N THR B 143 0.63 -9.84 -4.72
CA THR B 143 -0.42 -10.83 -4.52
C THR B 143 -0.58 -11.09 -3.03
N LYS B 144 -1.70 -11.69 -2.67
CA LYS B 144 -1.80 -12.32 -1.36
C LYS B 144 -0.86 -13.52 -1.30
N SER B 145 -0.69 -14.07 -0.10
CA SER B 145 0.09 -15.29 0.09
C SER B 145 -0.75 -16.52 -0.21
N TYR B 146 -0.15 -17.52 -0.85
CA TYR B 146 -0.83 -18.77 -1.19
C TYR B 146 -0.14 -19.94 -0.51
N LEU B 147 -0.86 -20.62 0.37
CA LEU B 147 -0.37 -21.84 1.00
C LEU B 147 -0.58 -23.00 0.03
N ILE B 148 0.46 -23.80 -0.21
CA ILE B 148 0.37 -24.89 -1.16
C ILE B 148 0.88 -26.16 -0.50
N GLN B 149 0.07 -27.22 -0.57
CA GLN B 149 0.45 -28.53 -0.04
C GLN B 149 1.23 -29.30 -1.10
N ALA B 150 2.40 -28.76 -1.42
CA ALA B 150 3.38 -29.42 -2.27
C ALA B 150 4.75 -28.90 -1.87
N SER B 151 5.77 -29.68 -2.21
CA SER B 151 7.13 -29.27 -1.97
C SER B 151 7.42 -27.93 -2.65
N PRO B 152 8.23 -27.07 -2.03
CA PRO B 152 8.51 -25.77 -2.66
C PRO B 152 9.30 -25.91 -3.94
N PHE B 153 10.02 -27.04 -4.12
CA PHE B 153 10.71 -27.27 -5.38
C PHE B 153 9.77 -27.73 -6.46
N ARG B 154 8.64 -28.36 -6.08
CA ARG B 154 7.59 -28.64 -7.05
C ARG B 154 6.91 -27.34 -7.52
N VAL B 155 6.59 -26.45 -6.57
CA VAL B 155 6.03 -25.15 -6.91
C VAL B 155 6.94 -24.44 -7.91
N MET B 156 8.22 -24.32 -7.58
CA MET B 156 9.12 -23.62 -8.50
C MET B 156 9.25 -24.38 -9.82
N ASP B 157 9.25 -25.70 -9.77
CA ASP B 157 9.32 -26.49 -11.00
C ASP B 157 8.13 -26.18 -11.92
N ASN B 158 6.93 -26.13 -11.35
CA ASN B 158 5.74 -25.87 -12.15
C ASN B 158 5.74 -24.45 -12.74
N SER B 159 6.36 -23.48 -12.09
CA SER B 159 6.31 -22.14 -12.66
C SER B 159 7.32 -21.95 -13.80
N ILE B 160 8.40 -22.72 -13.87
CA ILE B 160 9.28 -22.61 -15.02
C ILE B 160 8.89 -23.54 -16.15
N ASP B 161 7.94 -24.43 -15.93
CA ASP B 161 7.37 -25.23 -16.99
C ASP B 161 6.57 -24.31 -17.90
N VAL B 162 6.84 -24.37 -19.20
CA VAL B 162 6.21 -23.47 -20.14
C VAL B 162 5.21 -24.17 -21.05
N SER B 163 5.41 -25.45 -21.31
CA SER B 163 4.55 -26.20 -22.21
C SER B 163 3.15 -26.45 -21.66
N HIS B 164 2.89 -26.25 -20.36
CA HIS B 164 1.53 -26.45 -19.86
C HIS B 164 0.66 -25.21 -20.00
N PHE B 165 1.24 -24.05 -20.33
CA PHE B 165 0.46 -22.82 -20.48
C PHE B 165 -0.75 -22.98 -21.39
N PRO B 166 -0.65 -23.56 -22.59
CA PRO B 166 -1.83 -23.67 -23.46
C PRO B 166 -2.96 -24.47 -22.86
N PHE B 167 -2.68 -25.29 -21.85
CA PHE B 167 -3.67 -26.26 -21.38
C PHE B 167 -4.35 -25.80 -20.08
N ILE B 168 -3.60 -25.65 -18.98
CA ILE B 168 -4.29 -25.28 -17.76
C ILE B 168 -4.45 -23.78 -17.59
N HIS B 169 -3.73 -22.95 -18.37
CA HIS B 169 -3.90 -21.49 -18.32
C HIS B 169 -4.54 -20.93 -19.61
N GLU B 170 -5.40 -21.71 -20.26
CA GLU B 170 -5.99 -21.28 -21.52
C GLU B 170 -6.79 -20.00 -21.35
N GLY B 171 -6.55 -19.03 -22.23
CA GLY B 171 -7.19 -17.73 -22.13
C GLY B 171 -6.34 -16.67 -21.45
N ILE B 172 -5.26 -17.06 -20.79
CA ILE B 172 -4.39 -16.08 -20.15
C ILE B 172 -2.95 -16.23 -20.64
N LEU B 173 -2.45 -17.45 -20.73
CA LEU B 173 -1.07 -17.65 -21.14
C LEU B 173 -0.96 -18.53 -22.37
N GLY B 174 -2.01 -18.64 -23.15
CA GLY B 174 -1.99 -19.51 -24.31
C GLY B 174 -3.39 -20.00 -24.62
N ASP B 175 -3.47 -20.90 -25.59
CA ASP B 175 -4.67 -21.67 -25.83
C ASP B 175 -4.28 -22.91 -26.61
N ARG B 176 -5.20 -23.88 -26.65
CA ARG B 176 -4.85 -25.20 -27.16
C ARG B 176 -4.59 -25.20 -28.68
N ASN B 177 -5.02 -24.17 -29.41
CA ASN B 177 -4.69 -24.08 -30.83
C ASN B 177 -3.26 -23.59 -31.06
N HIS B 178 -2.56 -23.13 -30.03
CA HIS B 178 -1.17 -22.69 -30.16
C HIS B 178 -0.31 -23.41 -29.15
N ALA B 179 -0.47 -24.73 -29.09
CA ALA B 179 0.18 -25.55 -28.07
C ALA B 179 1.63 -25.92 -28.40
N GLU B 180 2.07 -25.74 -29.64
CA GLU B 180 3.40 -26.17 -30.03
C GLU B 180 4.44 -25.26 -29.40
N VAL B 181 5.54 -25.83 -28.93
CA VAL B 181 6.56 -25.09 -28.19
C VAL B 181 7.77 -24.93 -29.09
N GLU B 182 8.13 -23.68 -29.36
CA GLU B 182 9.38 -23.35 -30.04
C GLU B 182 10.57 -23.87 -29.24
N ASP B 183 11.73 -23.89 -29.88
CA ASP B 183 12.96 -24.23 -29.17
C ASP B 183 13.17 -23.28 -28.00
N LEU B 184 13.63 -23.82 -26.89
CA LEU B 184 13.82 -23.05 -25.67
C LEU B 184 15.30 -22.87 -25.43
N GLU B 185 15.72 -21.62 -25.20
CA GLU B 185 17.08 -21.34 -24.79
C GLU B 185 17.13 -21.41 -23.27
N VAL B 186 17.92 -22.34 -22.75
CA VAL B 186 18.07 -22.54 -21.31
C VAL B 186 19.55 -22.65 -21.00
N LYS B 187 20.02 -21.88 -20.03
CA LYS B 187 21.40 -21.92 -19.57
C LYS B 187 21.42 -22.06 -18.06
N VAL B 188 22.17 -23.04 -17.55
CA VAL B 188 22.45 -23.18 -16.13
C VAL B 188 23.95 -23.02 -15.93
N ASP B 189 24.34 -22.12 -15.04
CA ASP B 189 25.76 -21.90 -14.77
C ASP B 189 25.91 -21.46 -13.31
N LYS B 190 27.05 -20.81 -13.02
CA LYS B 190 27.34 -20.39 -11.65
C LYS B 190 26.31 -19.41 -11.12
N ASP B 191 25.73 -18.59 -11.99
CA ASP B 191 24.77 -17.57 -11.60
C ASP B 191 23.32 -18.03 -11.80
N GLY B 192 23.09 -19.33 -11.75
CA GLY B 192 21.75 -19.87 -11.76
C GLY B 192 21.24 -20.24 -13.14
N LEU B 193 19.91 -20.33 -13.21
CA LEU B 193 19.20 -20.78 -14.40
C LEU B 193 18.60 -19.58 -15.11
N THR B 194 18.75 -19.53 -16.43
CA THR B 194 18.15 -18.48 -17.24
C THR B 194 17.39 -19.12 -18.38
N MET B 195 16.16 -18.67 -18.61
CA MET B 195 15.44 -19.06 -19.82
C MET B 195 15.35 -17.85 -20.75
N GLY B 196 15.83 -18.04 -21.98
CA GLY B 196 15.90 -16.97 -22.95
C GLY B 196 14.53 -16.60 -23.47
N LYS B 197 14.47 -15.49 -24.20
CA LYS B 197 13.20 -14.97 -24.69
C LYS B 197 12.47 -16.03 -25.51
N TYR B 198 11.14 -16.13 -25.30
CA TYR B 198 10.30 -16.99 -26.12
C TYR B 198 8.89 -16.41 -26.16
N GLN B 199 8.10 -16.89 -27.12
CA GLN B 199 6.82 -16.29 -27.48
C GLN B 199 5.67 -17.01 -26.80
N VAL B 200 4.91 -16.27 -26.00
CA VAL B 200 3.69 -16.75 -25.36
C VAL B 200 2.51 -16.19 -26.13
N HIS B 201 1.62 -17.07 -26.58
N HIS B 201 1.59 -17.06 -26.53
CA HIS B 201 0.45 -16.65 -27.32
CA HIS B 201 0.47 -16.62 -27.35
C HIS B 201 -0.62 -16.11 -26.38
C HIS B 201 -0.72 -16.23 -26.50
N THR B 202 -1.34 -15.09 -26.85
CA THR B 202 -2.45 -14.51 -26.10
C THR B 202 -3.65 -14.27 -27.02
N SER B 203 -4.66 -13.60 -26.49
CA SER B 203 -5.85 -13.24 -27.25
C SER B 203 -5.98 -11.72 -27.43
N LYS B 210 2.74 -7.02 -34.32
CA LYS B 210 3.01 -8.25 -35.05
C LYS B 210 1.77 -9.16 -35.06
N ASP B 211 1.40 -9.70 -33.91
CA ASP B 211 0.32 -10.68 -33.78
C ASP B 211 -0.09 -10.80 -32.31
N ASP B 212 -0.83 -11.86 -31.98
CA ASP B 212 -1.29 -12.14 -30.62
C ASP B 212 -0.19 -12.88 -29.86
N SER B 213 0.71 -12.12 -29.24
CA SER B 213 1.87 -12.72 -28.60
C SER B 213 2.45 -11.78 -27.55
N MET B 214 3.18 -12.37 -26.62
CA MET B 214 4.06 -11.68 -25.71
C MET B 214 5.42 -12.38 -25.75
N VAL B 215 6.44 -11.68 -25.28
CA VAL B 215 7.78 -12.24 -25.18
C VAL B 215 8.13 -12.32 -23.70
N ASN B 216 8.57 -13.48 -23.27
CA ASN B 216 8.81 -13.76 -21.87
C ASN B 216 10.21 -14.35 -21.67
N TRP B 217 10.87 -13.94 -20.59
CA TRP B 217 12.06 -14.64 -20.13
C TRP B 217 12.06 -14.61 -18.62
N PHE B 218 12.89 -15.45 -18.02
CA PHE B 218 13.02 -15.46 -16.57
C PHE B 218 14.38 -16.00 -16.17
N ARG B 219 14.76 -15.72 -14.93
CA ARG B 219 16.06 -16.05 -14.36
C ARG B 219 15.87 -16.43 -12.90
N LEU B 220 16.55 -17.49 -12.46
CA LEU B 220 16.62 -17.83 -11.04
C LEU B 220 18.07 -17.73 -10.61
N SER B 221 18.40 -16.71 -9.84
CA SER B 221 19.72 -16.72 -9.22
C SER B 221 19.79 -17.72 -8.06
N HIS B 222 18.66 -18.05 -7.47
CA HIS B 222 18.62 -19.07 -6.43
C HIS B 222 17.39 -19.93 -6.67
N PRO B 223 17.37 -21.16 -6.14
CA PRO B 223 16.37 -22.14 -6.57
C PRO B 223 14.93 -21.83 -6.18
N LEU B 224 14.66 -20.90 -5.26
CA LEU B 224 13.29 -20.61 -4.82
C LEU B 224 12.89 -19.15 -5.03
N CYS B 225 13.64 -18.42 -5.85
CA CYS B 225 13.31 -17.03 -6.16
C CYS B 225 13.49 -16.84 -7.65
N GLN B 226 12.49 -16.25 -8.30
CA GLN B 226 12.50 -16.13 -9.76
C GLN B 226 12.13 -14.72 -10.22
N TYR B 227 12.92 -14.21 -11.16
CA TYR B 227 12.68 -12.93 -11.79
C TYR B 227 12.12 -13.21 -13.17
N CYS B 228 10.92 -12.71 -13.45
CA CYS B 228 10.23 -12.98 -14.70
C CYS B 228 9.91 -11.65 -15.38
N SER B 229 10.07 -11.64 -16.71
CA SER B 229 9.86 -10.44 -17.49
C SER B 229 9.03 -10.78 -18.71
N THR B 230 8.01 -9.97 -18.97
CA THR B 230 7.10 -10.18 -20.09
C THR B 230 6.88 -8.86 -20.79
N GLU B 231 7.00 -8.85 -22.12
CA GLU B 231 6.79 -7.64 -22.89
C GLU B 231 5.76 -7.87 -23.98
N ALA B 232 4.85 -6.91 -24.13
CA ALA B 232 3.80 -6.98 -25.14
C ALA B 232 3.40 -5.56 -25.51
N SER B 233 3.57 -5.20 -26.79
CA SER B 233 3.07 -3.94 -27.34
C SER B 233 3.49 -2.74 -26.47
N GLU B 234 4.80 -2.63 -26.26
CA GLU B 234 5.44 -1.53 -25.54
C GLU B 234 5.27 -1.58 -24.02
N MET B 235 4.29 -2.33 -23.50
CA MET B 235 4.14 -2.46 -22.05
C MET B 235 4.91 -3.67 -21.53
N ARG B 236 5.64 -3.46 -20.42
CA ARG B 236 6.48 -4.50 -19.82
C ARG B 236 5.96 -4.81 -18.42
N THR B 237 5.87 -6.10 -18.08
CA THR B 237 5.56 -6.54 -16.72
C THR B 237 6.70 -7.40 -16.19
N VAL B 238 7.19 -7.08 -14.99
CA VAL B 238 8.16 -7.93 -14.32
C VAL B 238 7.56 -8.39 -12.99
N ASP B 239 8.01 -9.55 -12.53
CA ASP B 239 7.68 -9.94 -11.18
C ASP B 239 8.84 -10.67 -10.54
N LEU B 240 8.84 -10.61 -9.23
CA LEU B 240 9.70 -11.44 -8.39
C LEU B 240 8.79 -12.46 -7.71
N MET B 241 8.98 -13.74 -8.05
CA MET B 241 8.22 -14.83 -7.46
C MET B 241 9.06 -15.46 -6.36
N VAL B 242 8.52 -15.52 -5.15
CA VAL B 242 9.28 -16.05 -4.01
C VAL B 242 8.48 -17.18 -3.36
N VAL B 243 9.14 -18.30 -3.13
CA VAL B 243 8.55 -19.47 -2.51
C VAL B 243 9.15 -19.60 -1.13
N THR B 244 8.31 -19.62 -0.12
CA THR B 244 8.74 -19.92 1.23
C THR B 244 8.75 -21.43 1.43
N PRO B 245 9.89 -22.03 1.72
CA PRO B 245 9.91 -23.47 2.00
C PRO B 245 9.54 -23.79 3.45
N ILE B 246 8.26 -24.06 3.68
CA ILE B 246 7.75 -24.30 5.03
C ILE B 246 8.41 -25.54 5.62
N ASP B 247 8.36 -26.63 4.89
CA ASP B 247 9.07 -27.87 5.18
C ASP B 247 9.22 -28.57 3.83
N GLU B 248 9.48 -29.88 3.85
CA GLU B 248 9.71 -30.61 2.60
C GLU B 248 8.45 -30.77 1.76
N ASP B 249 7.28 -30.62 2.35
CA ASP B 249 6.04 -30.97 1.68
C ASP B 249 5.06 -29.81 1.52
N ASN B 250 5.43 -28.59 1.93
CA ASN B 250 4.50 -27.47 2.04
C ASN B 250 5.23 -26.17 1.71
N SER B 251 4.51 -25.23 1.11
CA SER B 251 5.17 -23.96 0.84
C SER B 251 4.17 -22.84 0.75
N VAL B 252 4.70 -21.62 0.79
CA VAL B 252 3.94 -20.40 0.56
C VAL B 252 4.50 -19.75 -0.70
N LEU B 253 3.60 -19.27 -1.55
CA LEU B 253 3.91 -18.60 -2.80
C LEU B 253 3.48 -17.14 -2.70
N ARG B 254 4.38 -16.22 -3.06
CA ARG B 254 4.09 -14.79 -3.14
C ARG B 254 4.72 -14.21 -4.41
N TYR B 255 4.09 -13.15 -4.92
CA TYR B 255 4.60 -12.38 -6.06
C TYR B 255 4.66 -10.90 -5.73
N LEU B 256 5.76 -10.26 -6.08
CA LEU B 256 5.83 -8.82 -6.23
C LEU B 256 5.79 -8.52 -7.73
N ILE B 257 4.79 -7.76 -8.18
CA ILE B 257 4.58 -7.48 -9.60
C ILE B 257 4.79 -6.00 -9.87
N MET B 258 5.51 -5.68 -10.96
CA MET B 258 5.67 -4.29 -11.41
C MET B 258 5.42 -4.21 -12.91
N TRP B 259 4.84 -3.10 -13.34
CA TRP B 259 4.49 -2.94 -14.74
C TRP B 259 4.49 -1.44 -15.06
N ASN B 260 4.75 -1.10 -16.32
CA ASN B 260 4.88 0.31 -16.69
C ASN B 260 3.70 0.81 -17.52
N GLY B 261 2.61 0.06 -17.57
CA GLY B 261 1.40 0.49 -18.24
C GLY B 261 0.47 1.21 -17.28
N SER B 262 -0.81 1.21 -17.63
CA SER B 262 -1.78 1.98 -16.86
C SER B 262 -1.96 1.43 -15.44
N LYS B 263 -2.09 2.35 -14.49
CA LYS B 263 -2.40 2.01 -13.10
C LYS B 263 -3.69 1.21 -12.99
N THR B 264 -4.66 1.47 -13.88
CA THR B 264 -5.94 0.75 -13.86
C THR B 264 -5.80 -0.73 -14.18
N LEU B 265 -4.64 -1.19 -14.67
CA LEU B 265 -4.46 -2.61 -14.92
C LEU B 265 -4.28 -3.42 -13.64
N GLU B 266 -3.98 -2.75 -12.51
CA GLU B 266 -3.62 -3.43 -11.27
C GLU B 266 -4.61 -4.54 -10.91
N SER B 267 -5.91 -4.23 -10.91
CA SER B 267 -6.87 -5.24 -10.44
C SER B 267 -7.00 -6.36 -11.46
N LYS B 268 -6.83 -6.06 -12.74
CA LYS B 268 -6.84 -7.10 -13.75
C LYS B 268 -5.60 -7.99 -13.64
N ILE B 269 -4.44 -7.38 -13.41
CA ILE B 269 -3.23 -8.17 -13.15
C ILE B 269 -3.42 -9.09 -11.95
N LEU B 270 -3.96 -8.57 -10.85
CA LEU B 270 -4.15 -9.41 -9.67
C LEU B 270 -5.10 -10.57 -9.95
N ALA B 271 -6.16 -10.35 -10.72
CA ALA B 271 -7.10 -11.44 -10.99
C ALA B 271 -6.48 -12.47 -11.94
N ASP B 272 -5.67 -12.03 -12.89
CA ASP B 272 -5.03 -12.99 -13.79
C ASP B 272 -4.03 -13.86 -13.05
N TYR B 273 -3.23 -13.23 -12.19
CA TYR B 273 -2.30 -13.98 -11.35
C TYR B 273 -3.05 -15.00 -10.50
N ASP B 274 -4.15 -14.56 -9.86
CA ASP B 274 -4.92 -15.45 -8.98
C ASP B 274 -5.50 -16.62 -9.75
N GLN B 275 -6.04 -16.37 -10.94
CA GLN B 275 -6.60 -17.46 -11.72
C GLN B 275 -5.53 -18.48 -12.09
N VAL B 276 -4.38 -17.99 -12.57
CA VAL B 276 -3.28 -18.86 -12.99
C VAL B 276 -2.75 -19.67 -11.81
N ILE B 277 -2.54 -19.00 -10.67
CA ILE B 277 -2.05 -19.69 -9.47
C ILE B 277 -3.01 -20.80 -9.04
N GLU B 278 -4.32 -20.54 -9.07
CA GLU B 278 -5.24 -21.58 -8.62
C GLU B 278 -5.29 -22.73 -9.62
N GLU B 279 -5.12 -22.44 -10.91
CA GLU B 279 -5.01 -23.51 -11.91
C GLU B 279 -3.80 -24.38 -11.64
N ASP B 280 -2.68 -23.76 -11.22
CA ASP B 280 -1.48 -24.52 -10.92
C ASP B 280 -1.64 -25.38 -9.67
N ILE B 281 -2.22 -24.80 -8.61
CA ILE B 281 -2.40 -25.50 -7.34
C ILE B 281 -3.21 -26.77 -7.53
N ARG B 282 -4.25 -26.69 -8.37
CA ARG B 282 -5.04 -27.88 -8.70
C ARG B 282 -4.15 -29.01 -9.25
N ILE B 283 -3.19 -28.67 -10.10
CA ILE B 283 -2.27 -29.70 -10.60
C ILE B 283 -1.31 -30.12 -9.50
N LEU B 284 -0.74 -29.13 -8.81
CA LEU B 284 0.30 -29.41 -7.84
C LEU B 284 -0.20 -30.30 -6.70
N HIS B 285 -1.46 -30.12 -6.29
CA HIS B 285 -1.98 -30.91 -5.19
C HIS B 285 -2.23 -32.36 -5.61
N SER B 286 -2.43 -32.60 -6.90
CA SER B 286 -2.72 -33.93 -7.39
C SER B 286 -1.46 -34.72 -7.73
N GLN B 287 -0.31 -34.08 -7.76
CA GLN B 287 0.88 -34.73 -8.31
C GLN B 287 1.50 -35.66 -7.28
N GLN B 288 1.91 -36.83 -7.76
CA GLN B 288 2.53 -37.85 -6.94
C GLN B 288 3.89 -38.20 -7.55
N PRO B 289 4.98 -38.18 -6.76
CA PRO B 289 5.02 -37.85 -5.34
C PRO B 289 4.95 -36.34 -5.07
N THR B 290 4.75 -36.01 -3.78
CA THR B 290 4.65 -34.63 -3.34
C THR B 290 5.95 -33.90 -3.56
N ARG B 291 7.07 -34.51 -3.17
CA ARG B 291 8.39 -33.97 -3.42
C ARG B 291 8.78 -34.05 -4.90
N LEU B 292 9.67 -33.15 -5.31
CA LEU B 292 10.09 -33.12 -6.71
C LEU B 292 11.10 -34.23 -6.98
N PRO B 293 10.84 -35.13 -7.95
CA PRO B 293 11.81 -36.18 -8.27
C PRO B 293 12.99 -35.63 -9.05
N LEU B 294 14.21 -35.93 -8.59
CA LEU B 294 15.40 -35.55 -9.33
C LEU B 294 15.68 -36.56 -10.45
N LEU B 295 16.71 -36.29 -11.24
CA LEU B 295 16.98 -37.14 -12.40
C LEU B 295 17.78 -38.38 -11.99
N SER B 296 17.68 -39.42 -12.84
CA SER B 296 18.22 -40.74 -12.57
C SER B 296 19.75 -40.77 -12.63
N PRO B 297 20.38 -41.73 -11.94
CA PRO B 297 21.81 -42.03 -12.13
C PRO B 297 22.08 -42.81 -13.42
N LEU B 305 5.91 -48.77 -15.75
CA LEU B 305 5.30 -47.44 -15.82
C LEU B 305 6.22 -46.36 -15.27
N PRO B 306 6.81 -45.56 -16.17
CA PRO B 306 7.84 -44.59 -15.74
C PRO B 306 7.32 -43.58 -14.74
N GLN B 307 8.20 -43.14 -13.85
CA GLN B 307 7.84 -42.03 -12.96
C GLN B 307 7.77 -40.73 -13.75
N GLU B 308 8.74 -40.47 -14.63
CA GLU B 308 8.75 -39.26 -15.44
C GLU B 308 9.41 -39.53 -16.79
N ILE B 309 8.89 -38.85 -17.81
CA ILE B 309 9.39 -38.88 -19.19
C ILE B 309 9.72 -37.44 -19.57
N HIS B 310 10.76 -37.26 -20.39
CA HIS B 310 11.21 -35.92 -20.77
C HIS B 310 11.27 -35.79 -22.28
N VAL B 311 10.50 -34.85 -22.83
CA VAL B 311 10.51 -34.48 -24.24
C VAL B 311 11.19 -33.10 -24.37
N PRO B 312 11.50 -32.63 -25.60
CA PRO B 312 12.33 -31.41 -25.71
C PRO B 312 11.73 -30.15 -25.07
N SER B 313 10.41 -30.01 -25.03
CA SER B 313 9.86 -28.82 -24.39
C SER B 313 10.00 -28.84 -22.86
N ASP B 314 10.47 -29.94 -22.29
CA ASP B 314 10.76 -30.05 -20.86
C ASP B 314 12.16 -29.57 -20.52
N ARG B 315 12.85 -28.94 -21.48
CA ARG B 315 14.26 -28.62 -21.28
C ARG B 315 14.49 -27.78 -20.02
N CYS B 316 13.60 -26.82 -19.76
CA CYS B 316 13.84 -25.95 -18.61
C CYS B 316 13.58 -26.65 -17.28
N THR B 317 12.58 -27.52 -17.21
CA THR B 317 12.36 -28.20 -15.94
C THR B 317 13.42 -29.26 -15.70
N VAL B 318 13.91 -29.90 -16.76
CA VAL B 318 15.03 -30.83 -16.62
C VAL B 318 16.28 -30.10 -16.14
N ALA B 319 16.54 -28.92 -16.70
CA ALA B 319 17.70 -28.15 -16.24
C ALA B 319 17.56 -27.80 -14.77
N TYR B 320 16.33 -27.44 -14.34
CA TYR B 320 16.09 -27.14 -12.93
C TYR B 320 16.40 -28.33 -12.03
N ARG B 321 15.88 -29.50 -12.39
CA ARG B 321 16.16 -30.70 -11.59
C ARG B 321 17.66 -30.98 -11.52
N ARG B 322 18.35 -30.88 -12.66
CA ARG B 322 19.80 -31.09 -12.66
C ARG B 322 20.50 -30.07 -11.77
N TRP B 323 20.07 -28.82 -11.81
CA TRP B 323 20.70 -27.78 -10.99
C TRP B 323 20.53 -28.07 -9.52
N LEU B 324 19.40 -28.65 -9.13
CA LEU B 324 19.15 -28.94 -7.72
C LEU B 324 20.07 -30.05 -7.21
N LYS B 325 20.28 -31.09 -8.03
CA LYS B 325 21.22 -32.15 -7.69
C LYS B 325 22.64 -31.58 -7.57
N GLU B 326 23.01 -30.74 -8.52
CA GLU B 326 24.34 -30.11 -8.48
C GLU B 326 24.54 -29.27 -7.23
N LEU B 327 23.49 -28.60 -6.75
CA LEU B 327 23.61 -27.83 -5.52
C LEU B 327 23.60 -28.70 -4.28
N GLY B 328 23.20 -29.96 -4.41
CA GLY B 328 23.16 -30.85 -3.27
C GLY B 328 21.87 -30.84 -2.49
N VAL B 329 20.77 -30.49 -3.12
CA VAL B 329 19.48 -30.43 -2.42
C VAL B 329 18.99 -31.85 -2.24
N THR B 330 18.73 -32.22 -0.98
CA THR B 330 18.02 -33.44 -0.62
C THR B 330 16.73 -33.16 0.13
N TYR B 331 16.57 -31.96 0.68
CA TYR B 331 15.36 -31.55 1.37
C TYR B 331 14.27 -31.16 0.36
N GLY B 332 13.10 -31.81 0.45
CA GLY B 332 11.97 -31.48 -0.41
C GLY B 332 12.03 -32.06 -1.80
N VAL B 333 13.03 -32.90 -2.09
CA VAL B 333 13.14 -33.60 -3.37
C VAL B 333 13.28 -35.09 -3.08
N CYS B 334 13.18 -35.89 -4.13
CA CYS B 334 13.22 -37.34 -3.98
C CYS B 334 13.75 -38.08 -5.22
N THR C 2 -29.15 6.98 -19.28
CA THR C 2 -29.15 5.64 -18.73
C THR C 2 -30.57 5.13 -18.55
N THR C 3 -30.93 4.09 -19.29
CA THR C 3 -32.32 3.68 -19.39
C THR C 3 -32.73 2.64 -18.34
N ALA C 4 -31.92 2.41 -17.30
CA ALA C 4 -32.28 1.39 -16.33
C ALA C 4 -33.49 1.82 -15.51
N ASP C 5 -34.35 0.85 -15.17
CA ASP C 5 -35.50 1.15 -14.33
C ASP C 5 -35.04 1.57 -12.94
N LEU C 6 -35.88 2.39 -12.31
CA LEU C 6 -35.56 2.86 -10.96
C LEU C 6 -35.41 1.71 -9.99
N ILE C 7 -36.15 0.61 -10.19
CA ILE C 7 -36.02 -0.53 -9.29
C ILE C 7 -34.61 -1.11 -9.38
N LEU C 8 -33.98 -1.04 -10.56
CA LEU C 8 -32.59 -1.48 -10.70
C LEU C 8 -31.60 -0.44 -10.17
N ILE C 9 -31.81 0.85 -10.49
CA ILE C 9 -30.89 1.90 -10.06
C ILE C 9 -30.76 1.97 -8.55
N ASN C 10 -31.85 1.71 -7.81
CA ASN C 10 -31.86 1.85 -6.37
C ASN C 10 -31.49 0.57 -5.62
N ASN C 11 -30.82 -0.38 -6.29
CA ASN C 11 -30.39 -1.62 -5.68
C ASN C 11 -28.87 -1.67 -5.59
N TRP C 12 -28.36 -2.67 -4.87
CA TRP C 12 -26.93 -2.88 -4.71
C TRP C 12 -26.46 -3.96 -5.67
N TYR C 13 -25.29 -3.75 -6.27
CA TYR C 13 -24.66 -4.72 -7.17
C TYR C 13 -23.18 -4.81 -6.85
N VAL C 14 -22.62 -5.99 -7.07
CA VAL C 14 -21.18 -6.19 -6.87
C VAL C 14 -20.45 -5.72 -8.12
N VAL C 15 -19.40 -4.92 -7.93
CA VAL C 15 -18.60 -4.43 -9.06
C VAL C 15 -17.16 -4.89 -9.00
N ALA C 16 -16.71 -5.47 -7.89
CA ALA C 16 -15.33 -5.93 -7.74
C ALA C 16 -15.21 -6.76 -6.46
N LYS C 17 -14.14 -7.53 -6.37
CA LYS C 17 -13.73 -8.14 -5.11
C LYS C 17 -12.81 -7.20 -4.35
N VAL C 18 -12.95 -7.18 -3.02
CA VAL C 18 -12.18 -6.25 -2.20
C VAL C 18 -10.69 -6.55 -2.31
N GLU C 19 -10.34 -7.83 -2.46
CA GLU C 19 -8.93 -8.24 -2.54
C GLU C 19 -8.25 -7.79 -3.83
N ASP C 20 -9.00 -7.49 -4.88
CA ASP C 20 -8.39 -6.92 -6.07
C ASP C 20 -8.23 -5.40 -5.99
N CYS C 21 -8.67 -4.77 -4.90
CA CYS C 21 -8.66 -3.31 -4.75
C CYS C 21 -7.77 -2.94 -3.57
N ARG C 22 -6.46 -2.89 -3.81
CA ARG C 22 -5.46 -2.64 -2.79
C ARG C 22 -5.42 -1.15 -2.43
N PRO C 23 -4.81 -0.78 -1.30
CA PRO C 23 -4.68 0.65 -0.98
C PRO C 23 -3.92 1.40 -2.06
N GLY C 24 -4.41 2.59 -2.38
CA GLY C 24 -3.78 3.37 -3.44
C GLY C 24 -4.13 2.93 -4.84
N SER C 25 -5.04 1.97 -5.00
CA SER C 25 -5.34 1.49 -6.34
C SER C 25 -6.41 2.34 -7.01
N ILE C 26 -6.46 2.22 -8.33
CA ILE C 26 -7.51 2.78 -9.17
C ILE C 26 -8.01 1.66 -10.07
N THR C 27 -9.31 1.42 -10.05
CA THR C 27 -9.96 0.34 -10.78
C THR C 27 -11.11 0.93 -11.60
N THR C 28 -11.40 0.31 -12.75
CA THR C 28 -12.58 0.65 -13.54
C THR C 28 -13.59 -0.48 -13.52
N ALA C 29 -14.85 -0.12 -13.67
CA ALA C 29 -15.95 -1.07 -13.81
C ALA C 29 -17.07 -0.36 -14.55
N HIS C 30 -18.07 -1.14 -14.94
CA HIS C 30 -19.24 -0.65 -15.63
C HIS C 30 -20.47 -1.20 -14.93
N LEU C 31 -21.45 -0.33 -14.67
CA LEU C 31 -22.68 -0.76 -14.00
C LEU C 31 -23.86 -0.03 -14.63
N LEU C 32 -24.79 -0.81 -15.16
CA LEU C 32 -26.03 -0.29 -15.75
C LEU C 32 -25.76 0.81 -16.77
N GLY C 33 -24.68 0.66 -17.53
CA GLY C 33 -24.37 1.64 -18.55
C GLY C 33 -23.50 2.80 -18.13
N VAL C 34 -23.10 2.89 -16.85
CA VAL C 34 -22.27 3.98 -16.33
C VAL C 34 -20.84 3.48 -16.17
N LYS C 35 -19.87 4.31 -16.58
CA LYS C 35 -18.46 4.05 -16.32
C LYS C 35 -18.11 4.48 -14.90
N LEU C 36 -17.50 3.58 -14.13
CA LEU C 36 -17.17 3.85 -12.75
C LEU C 36 -15.66 3.83 -12.56
N VAL C 37 -15.19 4.67 -11.65
CA VAL C 37 -13.83 4.57 -11.14
C VAL C 37 -13.94 4.23 -9.66
N LEU C 38 -13.13 3.28 -9.21
CA LEU C 38 -13.00 2.91 -7.81
C LEU C 38 -11.58 3.20 -7.37
N TRP C 39 -11.42 3.88 -6.23
CA TRP C 39 -10.08 4.22 -5.79
C TRP C 39 -10.03 4.25 -4.27
N ARG C 40 -8.81 4.12 -3.75
CA ARG C 40 -8.56 4.08 -2.32
C ARG C 40 -7.29 4.84 -2.04
N SER C 41 -7.26 5.51 -0.89
CA SER C 41 -6.01 6.11 -0.49
C SER C 41 -5.02 5.03 -0.05
N HIS C 42 -3.77 5.44 0.10
CA HIS C 42 -2.71 4.51 0.41
C HIS C 42 -2.75 3.99 1.84
N GLU C 43 -3.57 4.56 2.70
CA GLU C 43 -3.65 4.11 4.08
C GLU C 43 -4.25 2.71 4.14
N GLN C 44 -3.72 1.89 5.04
CA GLN C 44 -4.34 0.61 5.36
C GLN C 44 -5.78 0.83 5.80
N ASN C 45 -6.67 -0.06 5.38
CA ASN C 45 -8.09 -0.02 5.70
C ASN C 45 -8.79 1.22 5.16
N SER C 46 -8.21 1.95 4.22
CA SER C 46 -8.91 3.09 3.63
C SER C 46 -10.21 2.62 2.98
N PRO C 47 -11.24 3.45 3.03
CA PRO C 47 -12.48 3.14 2.29
C PRO C 47 -12.29 3.26 0.79
N ILE C 48 -13.20 2.59 0.06
CA ILE C 48 -13.24 2.64 -1.40
C ILE C 48 -14.23 3.72 -1.84
N GLN C 49 -13.78 4.63 -2.70
CA GLN C 49 -14.71 5.56 -3.36
C GLN C 49 -15.13 4.99 -4.71
N VAL C 50 -16.38 5.22 -5.09
CA VAL C 50 -16.90 4.73 -6.35
C VAL C 50 -17.60 5.90 -7.01
N TRP C 51 -16.98 6.45 -8.06
CA TRP C 51 -17.49 7.63 -8.72
C TRP C 51 -17.70 7.34 -10.20
N GLN C 52 -18.46 8.20 -10.85
CA GLN C 52 -18.48 8.19 -12.31
C GLN C 52 -17.11 8.60 -12.85
N ASP C 53 -16.65 7.87 -13.88
CA ASP C 53 -15.28 7.99 -14.35
C ASP C 53 -15.17 9.15 -15.34
N TYR C 54 -15.22 10.36 -14.80
CA TYR C 54 -15.41 11.56 -15.61
C TYR C 54 -14.99 12.79 -14.80
N CYS C 55 -13.94 13.48 -15.24
CA CYS C 55 -13.54 14.75 -14.64
C CYS C 55 -14.47 15.86 -15.10
N PRO C 56 -15.05 16.62 -14.17
CA PRO C 56 -15.93 17.74 -14.57
C PRO C 56 -15.24 18.84 -15.39
N HIS C 57 -13.92 19.02 -15.28
CA HIS C 57 -13.28 20.05 -16.07
C HIS C 57 -13.43 19.83 -17.57
N ARG C 58 -12.71 18.85 -18.14
CA ARG C 58 -12.74 18.62 -19.60
C ARG C 58 -13.15 17.20 -19.96
N GLY C 59 -13.84 16.48 -19.07
CA GLY C 59 -14.31 15.13 -19.37
C GLY C 59 -13.27 14.05 -19.64
N VAL C 60 -12.13 14.12 -18.99
CA VAL C 60 -11.09 13.08 -19.07
C VAL C 60 -11.45 12.02 -18.03
N PRO C 61 -11.26 10.72 -18.28
CA PRO C 61 -11.50 9.73 -17.22
C PRO C 61 -10.55 9.95 -16.06
N LEU C 62 -11.12 10.15 -14.87
CA LEU C 62 -10.29 10.22 -13.67
C LEU C 62 -9.52 8.94 -13.42
N SER C 63 -10.04 7.80 -13.87
CA SER C 63 -9.29 6.56 -13.73
C SER C 63 -7.94 6.62 -14.41
N MET C 64 -7.67 7.60 -15.27
CA MET C 64 -6.33 7.67 -15.82
C MET C 64 -5.38 8.51 -14.98
N GLY C 65 -5.82 8.93 -13.81
CA GLY C 65 -5.02 9.79 -12.96
C GLY C 65 -4.25 9.01 -11.92
N GLU C 66 -4.15 9.58 -10.72
CA GLU C 66 -3.42 8.88 -9.66
C GLU C 66 -3.92 9.34 -8.28
N VAL C 67 -3.63 8.51 -7.30
CA VAL C 67 -4.03 8.74 -5.92
C VAL C 67 -2.85 9.33 -5.17
N ALA C 68 -3.07 10.46 -4.51
CA ALA C 68 -2.00 11.10 -3.76
C ALA C 68 -2.60 11.92 -2.64
N ASN C 69 -2.05 11.75 -1.43
CA ASN C 69 -2.50 12.49 -0.24
C ASN C 69 -4.03 12.46 -0.09
N ASN C 70 -4.60 11.25 -0.16
CA ASN C 70 -6.03 11.05 0.07
CA ASN C 70 -6.03 11.02 0.05
C ASN C 70 -6.90 11.81 -0.93
N THR C 71 -6.41 12.01 -2.16
CA THR C 71 -7.20 12.62 -3.24
C THR C 71 -7.00 11.83 -4.53
N LEU C 72 -7.99 11.87 -5.41
CA LEU C 72 -7.80 11.38 -6.77
C LEU C 72 -7.46 12.57 -7.66
N VAL C 73 -6.41 12.41 -8.47
CA VAL C 73 -5.81 13.52 -9.20
C VAL C 73 -6.05 13.29 -10.69
N CYS C 74 -6.74 14.23 -11.34
CA CYS C 74 -6.94 14.11 -12.77
C CYS C 74 -5.60 14.22 -13.50
N PRO C 75 -5.37 13.39 -14.54
CA PRO C 75 -4.09 13.46 -15.26
C PRO C 75 -3.94 14.69 -16.15
N TYR C 76 -5.03 15.35 -16.56
CA TYR C 76 -4.95 16.40 -17.58
C TYR C 76 -4.44 17.73 -17.02
N HIS C 77 -5.16 18.32 -16.06
CA HIS C 77 -4.68 19.54 -15.42
C HIS C 77 -4.39 19.35 -13.93
N GLY C 78 -4.43 18.12 -13.42
CA GLY C 78 -4.03 17.87 -12.05
C GLY C 78 -5.01 18.29 -10.98
N TRP C 79 -6.27 18.56 -11.32
CA TRP C 79 -7.24 18.88 -10.27
C TRP C 79 -7.38 17.70 -9.30
N ARG C 80 -7.53 18.02 -8.02
CA ARG C 80 -7.48 17.03 -6.95
C ARG C 80 -8.82 16.98 -6.25
N TYR C 81 -9.38 15.79 -6.14
CA TYR C 81 -10.71 15.57 -5.60
C TYR C 81 -10.59 14.79 -4.31
N ASN C 82 -11.22 15.29 -3.24
CA ASN C 82 -11.12 14.62 -1.95
C ASN C 82 -12.04 13.39 -1.93
N GLN C 83 -12.08 12.69 -0.79
CA GLN C 83 -12.87 11.46 -0.73
C GLN C 83 -14.35 11.73 -0.94
N ALA C 84 -14.83 12.92 -0.62
CA ALA C 84 -16.23 13.23 -0.89
C ALA C 84 -16.46 13.65 -2.34
N GLY C 85 -15.42 13.68 -3.16
CA GLY C 85 -15.58 14.06 -4.55
C GLY C 85 -15.46 15.54 -4.83
N LYS C 86 -15.12 16.34 -3.82
CA LYS C 86 -15.01 17.78 -3.99
C LYS C 86 -13.62 18.14 -4.49
N CYS C 87 -13.54 18.98 -5.52
CA CYS C 87 -12.24 19.48 -5.93
C CYS C 87 -11.68 20.39 -4.84
N VAL C 88 -10.50 20.07 -4.33
CA VAL C 88 -9.89 20.86 -3.26
C VAL C 88 -8.62 21.57 -3.70
N GLN C 89 -8.18 21.36 -4.93
CA GLN C 89 -6.98 22.07 -5.39
C GLN C 89 -7.00 22.11 -6.91
N ILE C 90 -6.76 23.29 -7.47
CA ILE C 90 -6.50 23.45 -8.91
C ILE C 90 -5.08 23.96 -9.04
N PRO C 91 -4.15 23.14 -9.57
CA PRO C 91 -2.73 23.54 -9.59
C PRO C 91 -2.44 24.82 -10.36
N ALA C 92 -3.22 25.14 -11.40
CA ALA C 92 -2.92 26.34 -12.18
C ALA C 92 -3.17 27.61 -11.36
N HIS C 93 -4.04 27.55 -10.36
CA HIS C 93 -4.34 28.69 -9.51
C HIS C 93 -4.36 28.20 -8.07
N PRO C 94 -3.19 28.01 -7.47
CA PRO C 94 -3.10 27.22 -6.23
C PRO C 94 -3.63 27.95 -5.00
N ASP C 95 -3.88 29.26 -5.08
CA ASP C 95 -4.48 29.98 -3.98
C ASP C 95 -5.95 30.33 -4.25
N MET C 96 -6.55 29.72 -5.25
CA MET C 96 -7.93 29.98 -5.63
C MET C 96 -8.82 28.89 -5.07
N VAL C 97 -9.93 29.27 -4.48
CA VAL C 97 -10.88 28.25 -4.07
C VAL C 97 -11.50 27.62 -5.32
N PRO C 98 -11.51 26.29 -5.46
CA PRO C 98 -12.07 25.70 -6.66
C PRO C 98 -13.55 26.01 -6.75
N PRO C 99 -14.09 26.13 -7.97
CA PRO C 99 -15.53 26.33 -8.10
C PRO C 99 -16.28 25.22 -7.38
N ALA C 100 -17.38 25.61 -6.71
CA ALA C 100 -18.24 24.63 -6.04
C ALA C 100 -18.86 23.65 -7.02
N SER C 101 -18.84 23.94 -8.32
CA SER C 101 -19.33 23.00 -9.29
C SER C 101 -18.31 21.92 -9.65
N ALA C 102 -17.03 22.13 -9.31
CA ALA C 102 -16.00 21.13 -9.61
C ALA C 102 -16.14 20.02 -8.57
N GLN C 103 -16.91 19.00 -8.93
CA GLN C 103 -17.38 17.99 -7.98
C GLN C 103 -17.64 16.71 -8.75
N ALA C 104 -16.99 15.61 -8.37
CA ALA C 104 -17.26 14.35 -9.03
C ALA C 104 -18.68 13.86 -8.70
N LYS C 105 -19.26 13.11 -9.62
CA LYS C 105 -20.50 12.39 -9.32
C LYS C 105 -20.14 11.14 -8.54
N THR C 106 -20.60 11.05 -7.28
CA THR C 106 -20.24 9.95 -6.40
C THR C 106 -21.43 9.03 -6.19
N TYR C 107 -21.13 7.79 -5.79
CA TYR C 107 -22.16 6.78 -5.61
C TYR C 107 -21.92 6.07 -4.29
N HIS C 108 -22.96 5.37 -3.84
CA HIS C 108 -22.90 4.64 -2.59
C HIS C 108 -22.06 3.38 -2.75
N CYS C 109 -21.19 3.13 -1.78
CA CYS C 109 -20.33 1.95 -1.83
C CYS C 109 -20.24 1.30 -0.44
N GLN C 110 -20.40 -0.03 -0.40
CA GLN C 110 -20.22 -0.83 0.80
C GLN C 110 -19.36 -2.04 0.46
N GLU C 111 -18.42 -2.35 1.35
CA GLU C 111 -17.74 -3.63 1.32
C GLU C 111 -18.49 -4.61 2.20
N ARG C 112 -18.79 -5.78 1.66
CA ARG C 112 -19.50 -6.82 2.39
C ARG C 112 -19.13 -8.17 1.79
N TYR C 113 -18.74 -9.11 2.64
CA TYR C 113 -18.36 -10.47 2.23
C TYR C 113 -17.14 -10.46 1.31
N GLY C 114 -16.25 -9.48 1.48
CA GLY C 114 -15.10 -9.37 0.60
C GLY C 114 -15.44 -8.87 -0.80
N LEU C 115 -16.63 -8.33 -0.99
CA LEU C 115 -17.10 -7.84 -2.28
C LEU C 115 -17.42 -6.36 -2.17
N VAL C 116 -17.33 -5.67 -3.30
CA VAL C 116 -17.56 -4.23 -3.36
C VAL C 116 -18.96 -4.00 -3.93
N TRP C 117 -19.85 -3.49 -3.11
CA TRP C 117 -21.23 -3.28 -3.51
C TRP C 117 -21.43 -1.80 -3.82
N VAL C 118 -22.17 -1.52 -4.90
CA VAL C 118 -22.42 -0.17 -5.38
C VAL C 118 -23.90 0.00 -5.62
N CYS C 119 -24.43 1.16 -5.22
CA CYS C 119 -25.78 1.59 -5.57
C CYS C 119 -25.70 2.92 -6.31
N LEU C 120 -26.19 2.95 -7.54
CA LEU C 120 -26.11 4.18 -8.30
C LEU C 120 -27.18 5.19 -7.91
N GLY C 121 -28.18 4.78 -7.14
CA GLY C 121 -29.32 5.63 -6.85
C GLY C 121 -29.37 5.88 -5.36
N ASN C 122 -30.54 5.76 -4.77
CA ASN C 122 -30.66 5.86 -3.32
C ASN C 122 -31.10 4.52 -2.79
N PRO C 123 -30.25 3.83 -2.04
CA PRO C 123 -30.52 2.43 -1.68
C PRO C 123 -31.80 2.24 -0.88
N VAL C 124 -32.83 1.70 -1.55
CA VAL C 124 -34.08 1.32 -0.90
C VAL C 124 -33.95 0.01 -0.14
N ASN C 125 -32.94 -0.81 -0.45
CA ASN C 125 -32.83 -2.14 0.10
C ASN C 125 -31.55 -2.28 0.91
N ASP C 126 -31.49 -3.38 1.64
CA ASP C 126 -30.29 -3.85 2.30
C ASP C 126 -29.50 -4.73 1.35
N ILE C 127 -28.19 -4.80 1.59
CA ILE C 127 -27.37 -5.81 0.91
C ILE C 127 -27.87 -7.19 1.31
N PRO C 128 -28.04 -8.15 0.38
CA PRO C 128 -28.58 -9.46 0.75
C PRO C 128 -27.80 -10.11 1.90
N SER C 129 -28.40 -11.01 2.65
CA SER C 129 -27.69 -11.64 3.74
C SER C 129 -26.98 -12.90 3.28
N PHE C 130 -25.97 -13.28 4.05
CA PHE C 130 -25.16 -14.47 3.78
C PHE C 130 -24.81 -15.05 5.13
N PRO C 131 -25.69 -15.89 5.68
CA PRO C 131 -25.54 -16.31 7.10
C PRO C 131 -24.23 -17.01 7.45
N GLU C 132 -23.60 -17.75 6.52
CA GLU C 132 -22.39 -18.50 6.84
C GLU C 132 -21.13 -17.65 6.84
N TRP C 133 -21.21 -16.40 6.39
CA TRP C 133 -20.03 -15.52 6.36
C TRP C 133 -19.30 -15.50 7.70
N ASP C 134 -20.03 -15.29 8.79
CA ASP C 134 -19.42 -15.19 10.11
C ASP C 134 -19.33 -16.53 10.83
N ASP C 135 -19.41 -17.64 10.12
CA ASP C 135 -19.42 -18.94 10.77
C ASP C 135 -18.05 -19.61 10.60
N PRO C 136 -17.27 -19.77 11.67
CA PRO C 136 -15.89 -20.28 11.53
C PRO C 136 -15.80 -21.72 11.08
N ASN C 137 -16.90 -22.48 11.06
CA ASN C 137 -16.87 -23.81 10.48
C ASN C 137 -16.79 -23.81 8.96
N TYR C 138 -16.99 -22.67 8.31
CA TYR C 138 -17.03 -22.58 6.85
C TYR C 138 -15.79 -21.85 6.37
N HIS C 139 -15.05 -22.47 5.45
CA HIS C 139 -14.03 -21.78 4.68
C HIS C 139 -14.67 -21.05 3.49
N LYS C 140 -13.90 -20.16 2.88
CA LYS C 140 -14.41 -19.33 1.80
C LYS C 140 -13.42 -19.29 0.63
N THR C 141 -13.98 -19.12 -0.56
CA THR C 141 -13.20 -18.88 -1.76
C THR C 141 -14.09 -18.14 -2.75
N TYR C 142 -13.45 -17.49 -3.72
CA TYR C 142 -14.12 -16.69 -4.74
C TYR C 142 -13.72 -17.23 -6.10
N THR C 143 -14.70 -17.39 -6.99
CA THR C 143 -14.35 -17.67 -8.37
C THR C 143 -13.70 -16.45 -9.01
N LYS C 144 -13.11 -16.66 -10.19
CA LYS C 144 -12.79 -15.54 -11.05
C LYS C 144 -14.10 -14.83 -11.43
N SER C 145 -13.98 -13.67 -12.05
CA SER C 145 -15.14 -13.01 -12.61
C SER C 145 -15.30 -13.42 -14.07
N TYR C 146 -16.52 -13.77 -14.47
CA TYR C 146 -16.83 -14.21 -15.81
C TYR C 146 -17.55 -13.10 -16.55
N LEU C 147 -16.96 -12.64 -17.64
CA LEU C 147 -17.63 -11.67 -18.50
C LEU C 147 -18.44 -12.47 -19.52
N ILE C 148 -19.73 -12.20 -19.61
CA ILE C 148 -20.66 -12.98 -20.40
C ILE C 148 -21.43 -12.03 -21.32
N GLN C 149 -21.51 -12.37 -22.61
CA GLN C 149 -22.27 -11.57 -23.57
C GLN C 149 -23.72 -12.05 -23.59
N ALA C 150 -24.43 -11.72 -22.53
CA ALA C 150 -25.85 -12.01 -22.45
C ALA C 150 -26.41 -11.09 -21.39
N SER C 151 -27.71 -10.85 -21.49
CA SER C 151 -28.41 -10.06 -20.49
C SER C 151 -28.13 -10.62 -19.09
N PRO C 152 -27.95 -9.76 -18.08
CA PRO C 152 -27.84 -10.26 -16.69
C PRO C 152 -29.05 -11.09 -16.27
N PHE C 153 -30.23 -10.81 -16.83
CA PHE C 153 -31.41 -11.58 -16.46
C PHE C 153 -31.44 -12.94 -17.14
N ARG C 154 -30.87 -13.10 -18.35
CA ARG C 154 -30.63 -14.43 -18.90
C ARG C 154 -29.67 -15.23 -18.02
N VAL C 155 -28.59 -14.59 -17.54
CA VAL C 155 -27.63 -15.31 -16.69
C VAL C 155 -28.33 -15.83 -15.44
N MET C 156 -29.16 -15.00 -14.80
CA MET C 156 -29.87 -15.49 -13.61
C MET C 156 -30.96 -16.49 -13.98
N ASP C 157 -31.67 -16.30 -15.10
CA ASP C 157 -32.63 -17.31 -15.52
C ASP C 157 -31.98 -18.69 -15.66
N ASN C 158 -30.82 -18.75 -16.33
CA ASN C 158 -30.16 -20.03 -16.55
C ASN C 158 -29.74 -20.67 -15.24
N SER C 159 -29.29 -19.86 -14.28
CA SER C 159 -28.84 -20.40 -13.02
C SER C 159 -30.01 -20.90 -12.16
N ILE C 160 -31.24 -20.52 -12.48
CA ILE C 160 -32.41 -20.96 -11.73
C ILE C 160 -33.03 -22.20 -12.35
N ASP C 161 -32.75 -22.44 -13.62
CA ASP C 161 -33.22 -23.59 -14.35
C ASP C 161 -32.47 -24.83 -13.88
N VAL C 162 -33.21 -25.88 -13.50
CA VAL C 162 -32.58 -27.12 -13.04
C VAL C 162 -32.69 -28.24 -14.05
N SER C 163 -33.64 -28.16 -14.99
CA SER C 163 -33.86 -29.25 -15.94
C SER C 163 -32.73 -29.38 -16.96
N HIS C 164 -31.87 -28.36 -17.13
CA HIS C 164 -30.80 -28.50 -18.11
C HIS C 164 -29.61 -29.32 -17.59
N PHE C 165 -29.53 -29.59 -16.29
CA PHE C 165 -28.40 -30.32 -15.70
C PHE C 165 -28.03 -31.59 -16.45
N PRO C 166 -28.96 -32.52 -16.75
CA PRO C 166 -28.54 -33.79 -17.36
C PRO C 166 -28.02 -33.67 -18.78
N PHE C 167 -28.10 -32.48 -19.39
CA PHE C 167 -27.67 -32.28 -20.76
C PHE C 167 -26.41 -31.44 -20.86
N ILE C 168 -26.41 -30.18 -20.43
CA ILE C 168 -25.16 -29.45 -20.61
C ILE C 168 -24.21 -29.61 -19.44
N HIS C 169 -24.65 -30.18 -18.32
CA HIS C 169 -23.72 -30.55 -17.27
C HIS C 169 -23.61 -32.06 -17.16
N GLU C 170 -23.88 -32.75 -18.27
CA GLU C 170 -23.73 -34.20 -18.34
C GLU C 170 -22.31 -34.57 -17.98
N GLY C 171 -22.17 -35.51 -17.04
CA GLY C 171 -20.89 -35.90 -16.50
C GLY C 171 -20.58 -35.30 -15.14
N ILE C 172 -21.15 -34.14 -14.82
CA ILE C 172 -21.06 -33.55 -13.50
C ILE C 172 -22.39 -33.66 -12.76
N LEU C 173 -23.49 -33.22 -13.39
CA LEU C 173 -24.78 -33.14 -12.72
C LEU C 173 -25.85 -33.97 -13.42
N GLY C 174 -25.52 -35.18 -13.82
CA GLY C 174 -26.49 -36.13 -14.34
C GLY C 174 -26.12 -36.60 -15.72
N ASP C 175 -27.03 -37.34 -16.34
CA ASP C 175 -26.82 -37.85 -17.69
C ASP C 175 -28.15 -37.84 -18.44
N ARG C 176 -28.05 -38.01 -19.76
CA ARG C 176 -29.18 -37.88 -20.66
C ARG C 176 -30.29 -38.89 -20.40
N ASN C 177 -29.98 -40.01 -19.73
CA ASN C 177 -30.95 -41.08 -19.54
C ASN C 177 -31.51 -41.12 -18.12
N HIS C 178 -31.14 -40.17 -17.26
CA HIS C 178 -31.79 -39.98 -15.97
C HIS C 178 -32.28 -38.53 -15.85
N ALA C 179 -33.02 -38.06 -16.86
CA ALA C 179 -33.29 -36.64 -17.04
C ALA C 179 -34.65 -36.19 -16.53
N GLU C 180 -35.48 -37.11 -16.03
CA GLU C 180 -36.81 -36.72 -15.53
C GLU C 180 -36.67 -35.76 -14.35
N VAL C 181 -37.56 -34.78 -14.31
CA VAL C 181 -37.51 -33.74 -13.28
C VAL C 181 -38.70 -33.94 -12.36
N GLU C 182 -38.42 -34.24 -11.09
CA GLU C 182 -39.44 -34.33 -10.06
C GLU C 182 -40.19 -32.99 -9.92
N ASP C 183 -41.36 -33.05 -9.29
CA ASP C 183 -42.12 -31.83 -9.04
C ASP C 183 -41.29 -30.83 -8.25
N LEU C 184 -41.40 -29.56 -8.64
CA LEU C 184 -40.61 -28.47 -8.08
C LEU C 184 -41.50 -27.60 -7.20
N GLU C 185 -40.93 -27.12 -6.09
CA GLU C 185 -41.64 -26.23 -5.17
C GLU C 185 -41.00 -24.85 -5.25
N VAL C 186 -41.75 -23.89 -5.78
CA VAL C 186 -41.29 -22.52 -5.99
C VAL C 186 -42.28 -21.58 -5.34
N LYS C 187 -41.78 -20.50 -4.75
CA LYS C 187 -42.63 -19.46 -4.19
C LYS C 187 -42.03 -18.10 -4.52
N VAL C 188 -42.90 -17.14 -4.84
CA VAL C 188 -42.53 -15.74 -4.94
C VAL C 188 -43.34 -15.00 -3.89
N ASP C 189 -42.68 -14.55 -2.82
CA ASP C 189 -43.37 -13.81 -1.76
C ASP C 189 -42.52 -12.67 -1.23
N LYS C 190 -42.74 -12.28 0.02
CA LYS C 190 -42.05 -11.13 0.59
C LYS C 190 -40.56 -11.39 0.80
N ASP C 191 -40.12 -12.64 0.77
CA ASP C 191 -38.70 -12.96 0.82
C ASP C 191 -38.11 -13.14 -0.57
N GLY C 192 -38.90 -12.90 -1.61
CA GLY C 192 -38.47 -13.07 -2.98
C GLY C 192 -38.80 -14.45 -3.51
N LEU C 193 -37.91 -14.97 -4.34
CA LEU C 193 -38.12 -16.27 -4.98
C LEU C 193 -37.33 -17.32 -4.21
N THR C 194 -38.00 -18.39 -3.84
CA THR C 194 -37.38 -19.50 -3.13
C THR C 194 -37.71 -20.78 -3.88
N MET C 195 -36.69 -21.59 -4.14
CA MET C 195 -36.89 -22.93 -4.65
C MET C 195 -36.67 -23.93 -3.53
N GLY C 196 -37.67 -24.74 -3.24
CA GLY C 196 -37.60 -25.68 -2.13
C GLY C 196 -36.65 -26.82 -2.42
N LYS C 197 -36.29 -27.53 -1.34
CA LYS C 197 -35.31 -28.60 -1.41
C LYS C 197 -35.56 -29.52 -2.60
N TYR C 198 -34.49 -29.82 -3.33
CA TYR C 198 -34.59 -30.47 -4.62
C TYR C 198 -33.44 -31.44 -4.77
N GLN C 199 -33.77 -32.70 -5.06
CA GLN C 199 -32.75 -33.72 -5.29
C GLN C 199 -32.12 -33.54 -6.66
N VAL C 200 -30.79 -33.67 -6.70
CA VAL C 200 -30.04 -33.69 -7.94
C VAL C 200 -29.24 -34.98 -7.97
N HIS C 201 -29.51 -35.84 -8.95
CA HIS C 201 -28.70 -37.03 -9.16
C HIS C 201 -27.41 -36.62 -9.84
N THR C 202 -26.29 -36.88 -9.18
CA THR C 202 -24.99 -36.62 -9.78
C THR C 202 -24.44 -37.89 -10.42
N SER C 203 -23.55 -37.68 -11.39
CA SER C 203 -22.85 -38.80 -12.01
C SER C 203 -21.78 -39.30 -11.05
N LYS C 204 -21.67 -40.62 -10.93
CA LYS C 204 -20.63 -41.16 -10.06
C LYS C 204 -19.26 -40.86 -10.66
N PHE C 205 -18.34 -40.40 -9.83
CA PHE C 205 -16.95 -40.29 -10.22
C PHE C 205 -16.05 -41.28 -9.49
N ASN C 206 -16.18 -41.38 -8.18
CA ASN C 206 -15.36 -42.24 -7.35
C ASN C 206 -16.15 -43.50 -7.02
N ASN C 207 -15.79 -44.64 -7.63
CA ASN C 207 -16.56 -45.86 -7.42
C ASN C 207 -16.40 -46.47 -6.03
N SER C 208 -15.41 -46.06 -5.25
CA SER C 208 -15.29 -46.59 -3.89
C SER C 208 -16.35 -46.03 -2.93
N THR C 209 -17.01 -44.94 -3.30
CA THR C 209 -17.91 -44.20 -2.41
C THR C 209 -19.35 -44.32 -2.88
N LYS C 210 -20.28 -44.26 -1.93
CA LYS C 210 -21.70 -44.22 -2.28
C LYS C 210 -22.00 -42.98 -3.10
N ASP C 211 -23.06 -43.06 -3.92
CA ASP C 211 -23.46 -41.92 -4.75
C ASP C 211 -23.62 -40.68 -3.89
N ASP C 212 -22.80 -39.67 -4.17
CA ASP C 212 -22.90 -38.38 -3.52
C ASP C 212 -24.06 -37.62 -4.17
N SER C 213 -25.27 -37.94 -3.72
CA SER C 213 -26.45 -37.22 -4.18
C SER C 213 -26.61 -35.94 -3.36
N MET C 214 -26.68 -34.82 -4.05
CA MET C 214 -26.82 -33.53 -3.39
C MET C 214 -28.29 -33.14 -3.28
N VAL C 215 -28.60 -32.34 -2.27
CA VAL C 215 -29.90 -31.67 -2.15
C VAL C 215 -29.66 -30.17 -2.20
N ASN C 216 -30.29 -29.49 -3.16
CA ASN C 216 -30.16 -28.06 -3.36
C ASN C 216 -31.42 -27.33 -2.96
N TRP C 217 -31.27 -26.08 -2.52
CA TRP C 217 -32.33 -25.08 -2.49
C TRP C 217 -31.69 -23.71 -2.61
N PHE C 218 -32.46 -22.76 -3.13
CA PHE C 218 -31.89 -21.42 -3.30
C PHE C 218 -32.97 -20.36 -3.11
N ARG C 219 -32.52 -19.17 -2.72
CA ARG C 219 -33.41 -18.02 -2.58
C ARG C 219 -32.82 -16.84 -3.32
N LEU C 220 -33.66 -16.10 -4.02
CA LEU C 220 -33.35 -14.76 -4.53
C LEU C 220 -34.18 -13.75 -3.75
N SER C 221 -33.52 -12.91 -2.97
CA SER C 221 -34.23 -11.78 -2.39
C SER C 221 -34.23 -10.58 -3.32
N HIS C 222 -33.31 -10.55 -4.27
CA HIS C 222 -33.31 -9.57 -5.35
C HIS C 222 -32.89 -10.29 -6.63
N PRO C 223 -33.30 -9.78 -7.79
CA PRO C 223 -33.27 -10.62 -9.00
C PRO C 223 -31.88 -10.92 -9.55
N LEU C 224 -30.82 -10.23 -9.12
CA LEU C 224 -29.50 -10.49 -9.69
C LEU C 224 -28.53 -11.02 -8.64
N CYS C 225 -29.06 -11.54 -7.54
CA CYS C 225 -28.26 -12.15 -6.50
C CYS C 225 -29.00 -13.39 -6.00
N GLN C 226 -28.29 -14.51 -5.89
CA GLN C 226 -28.89 -15.81 -5.59
C GLN C 226 -28.09 -16.45 -4.48
N TYR C 227 -28.78 -16.90 -3.44
CA TYR C 227 -28.19 -17.65 -2.35
C TYR C 227 -28.55 -19.11 -2.55
N CYS C 228 -27.54 -19.96 -2.57
CA CYS C 228 -27.73 -21.36 -2.91
C CYS C 228 -27.13 -22.23 -1.82
N SER C 229 -27.84 -23.26 -1.43
CA SER C 229 -27.41 -24.16 -0.37
C SER C 229 -27.40 -25.57 -0.92
N THR C 230 -26.30 -26.28 -0.71
CA THR C 230 -26.17 -27.65 -1.19
C THR C 230 -25.69 -28.56 -0.06
N GLU C 231 -26.41 -29.64 0.15
CA GLU C 231 -26.01 -30.66 1.10
C GLU C 231 -25.65 -31.93 0.34
N ALA C 232 -24.40 -32.35 0.49
CA ALA C 232 -23.86 -33.61 0.01
C ALA C 232 -23.82 -34.62 1.16
N SER C 233 -23.00 -35.67 1.02
CA SER C 233 -23.03 -36.74 2.01
C SER C 233 -22.24 -36.37 3.27
N GLU C 234 -21.14 -35.66 3.12
CA GLU C 234 -20.29 -35.28 4.26
C GLU C 234 -20.11 -33.77 4.37
N MET C 235 -20.88 -32.97 3.62
CA MET C 235 -20.48 -31.58 3.51
C MET C 235 -21.66 -30.71 3.11
N ARG C 236 -21.67 -29.49 3.62
CA ARG C 236 -22.59 -28.45 3.18
C ARG C 236 -21.80 -27.39 2.42
N THR C 237 -22.29 -27.01 1.25
CA THR C 237 -21.69 -25.90 0.48
C THR C 237 -22.74 -24.82 0.27
N VAL C 238 -22.38 -23.56 0.53
CA VAL C 238 -23.26 -22.44 0.22
C VAL C 238 -22.51 -21.50 -0.71
N ASP C 239 -23.27 -20.80 -1.55
CA ASP C 239 -22.64 -19.77 -2.34
C ASP C 239 -23.58 -18.59 -2.52
N LEU C 240 -22.96 -17.44 -2.67
CA LEU C 240 -23.62 -16.21 -3.04
C LEU C 240 -23.25 -15.95 -4.50
N MET C 241 -24.20 -16.14 -5.40
CA MET C 241 -23.98 -15.84 -6.82
C MET C 241 -24.45 -14.43 -7.09
N VAL C 242 -23.57 -13.58 -7.61
CA VAL C 242 -23.90 -12.20 -7.89
C VAL C 242 -23.64 -11.91 -9.37
N VAL C 243 -24.60 -11.28 -10.01
CA VAL C 243 -24.48 -10.89 -11.41
C VAL C 243 -24.36 -9.38 -11.46
N THR C 244 -23.30 -8.88 -12.07
CA THR C 244 -23.18 -7.45 -12.31
C THR C 244 -23.84 -7.10 -13.63
N PRO C 245 -24.86 -6.29 -13.65
CA PRO C 245 -25.46 -5.90 -14.93
C PRO C 245 -24.63 -4.83 -15.64
N ILE C 246 -23.74 -5.23 -16.56
CA ILE C 246 -22.90 -4.26 -17.26
C ILE C 246 -23.78 -3.28 -18.04
N ASP C 247 -24.64 -3.82 -18.90
CA ASP C 247 -25.70 -3.09 -19.61
C ASP C 247 -26.81 -4.10 -19.94
N GLU C 248 -27.66 -3.76 -20.90
CA GLU C 248 -28.79 -4.66 -21.19
C GLU C 248 -28.34 -6.01 -21.74
N ASP C 249 -27.15 -6.09 -22.31
CA ASP C 249 -26.73 -7.23 -23.09
C ASP C 249 -25.48 -7.92 -22.55
N ASN C 250 -24.94 -7.47 -21.43
CA ASN C 250 -23.65 -7.95 -20.97
C ASN C 250 -23.65 -8.02 -19.44
N SER C 251 -22.91 -9.00 -18.91
CA SER C 251 -22.90 -9.31 -17.49
C SER C 251 -21.51 -9.72 -17.04
N VAL C 252 -21.27 -9.54 -15.74
CA VAL C 252 -20.20 -10.21 -15.02
C VAL C 252 -20.84 -11.15 -13.99
N LEU C 253 -20.34 -12.39 -13.93
CA LEU C 253 -20.80 -13.41 -13.00
C LEU C 253 -19.69 -13.72 -12.01
N ARG C 254 -20.02 -13.74 -10.72
CA ARG C 254 -19.09 -14.07 -9.65
C ARG C 254 -19.81 -14.89 -8.60
N TYR C 255 -19.04 -15.77 -7.93
CA TYR C 255 -19.51 -16.57 -6.81
C TYR C 255 -18.61 -16.37 -5.61
N LEU C 256 -19.21 -16.16 -4.45
CA LEU C 256 -18.54 -16.37 -3.18
C LEU C 256 -19.01 -17.74 -2.71
N ILE C 257 -18.06 -18.66 -2.49
CA ILE C 257 -18.37 -20.04 -2.13
C ILE C 257 -17.89 -20.32 -0.72
N MET C 258 -18.71 -21.00 0.07
CA MET C 258 -18.32 -21.39 1.42
C MET C 258 -18.69 -22.85 1.67
N TRP C 259 -17.84 -23.56 2.39
CA TRP C 259 -18.08 -24.98 2.64
C TRP C 259 -17.46 -25.36 3.99
N ASN C 260 -18.03 -26.38 4.63
CA ASN C 260 -17.56 -26.79 5.96
C ASN C 260 -16.78 -28.10 5.93
N GLY C 261 -16.39 -28.57 4.76
CA GLY C 261 -15.48 -29.69 4.65
C GLY C 261 -14.05 -29.21 4.75
N SER C 262 -13.14 -30.08 4.33
CA SER C 262 -11.72 -29.76 4.42
C SER C 262 -11.38 -28.54 3.56
N LYS C 263 -10.51 -27.67 4.08
CA LYS C 263 -10.02 -26.55 3.30
C LYS C 263 -9.29 -27.03 2.03
N THR C 264 -8.74 -28.25 2.07
CA THR C 264 -8.01 -28.80 0.94
C THR C 264 -8.89 -28.99 -0.29
N LEU C 265 -10.20 -28.87 -0.14
CA LEU C 265 -11.11 -29.08 -1.26
C LEU C 265 -11.19 -27.86 -2.17
N GLU C 266 -10.60 -26.72 -1.78
CA GLU C 266 -10.74 -25.47 -2.53
C GLU C 266 -10.52 -25.68 -4.03
N SER C 267 -9.36 -26.24 -4.39
CA SER C 267 -8.99 -26.41 -5.81
C SER C 267 -10.06 -27.17 -6.57
N LYS C 268 -10.55 -28.26 -5.99
CA LYS C 268 -11.56 -29.06 -6.66
C LYS C 268 -12.88 -28.29 -6.77
N ILE C 269 -13.21 -27.49 -5.76
CA ILE C 269 -14.47 -26.75 -5.81
C ILE C 269 -14.42 -25.72 -6.94
N LEU C 270 -13.32 -24.98 -7.03
CA LEU C 270 -13.19 -23.95 -8.06
C LEU C 270 -13.14 -24.54 -9.46
N ALA C 271 -12.46 -25.67 -9.62
CA ALA C 271 -12.41 -26.28 -10.96
C ALA C 271 -13.78 -26.80 -11.35
N ASP C 272 -14.55 -27.30 -10.39
CA ASP C 272 -15.86 -27.83 -10.73
C ASP C 272 -16.86 -26.71 -11.02
N TYR C 273 -16.78 -25.60 -10.29
CA TYR C 273 -17.60 -24.45 -10.65
C TYR C 273 -17.25 -23.96 -12.06
N ASP C 274 -15.95 -23.83 -12.35
CA ASP C 274 -15.51 -23.34 -13.65
C ASP C 274 -15.99 -24.23 -14.78
N GLN C 275 -15.96 -25.56 -14.58
CA GLN C 275 -16.46 -26.44 -15.63
C GLN C 275 -17.97 -26.26 -15.83
N VAL C 276 -18.72 -26.02 -14.76
CA VAL C 276 -20.18 -25.83 -14.89
C VAL C 276 -20.50 -24.49 -15.54
N ILE C 277 -19.83 -23.41 -15.09
CA ILE C 277 -20.09 -22.07 -15.59
C ILE C 277 -19.78 -21.97 -17.09
N GLU C 278 -18.66 -22.54 -17.53
CA GLU C 278 -18.32 -22.43 -18.95
C GLU C 278 -19.29 -23.22 -19.82
N GLU C 279 -19.84 -24.34 -19.33
CA GLU C 279 -20.91 -25.00 -20.06
C GLU C 279 -22.15 -24.11 -20.17
N ASP C 280 -22.51 -23.44 -19.07
CA ASP C 280 -23.61 -22.48 -19.14
C ASP C 280 -23.32 -21.34 -20.11
N ILE C 281 -22.10 -20.83 -20.12
CA ILE C 281 -21.78 -19.66 -20.92
C ILE C 281 -21.94 -19.98 -22.40
N ARG C 282 -21.61 -21.21 -22.80
CA ARG C 282 -21.77 -21.61 -24.19
C ARG C 282 -23.23 -21.49 -24.63
N ILE C 283 -24.17 -21.87 -23.76
CA ILE C 283 -25.58 -21.71 -24.10
C ILE C 283 -25.98 -20.24 -24.04
N LEU C 284 -25.62 -19.56 -22.95
CA LEU C 284 -26.05 -18.17 -22.79
C LEU C 284 -25.62 -17.30 -23.98
N HIS C 285 -24.38 -17.51 -24.46
CA HIS C 285 -23.82 -16.69 -25.54
C HIS C 285 -24.63 -16.81 -26.82
N SER C 286 -25.30 -17.95 -27.03
CA SER C 286 -26.00 -18.22 -28.28
C SER C 286 -27.51 -18.04 -28.19
N GLN C 287 -28.07 -17.80 -27.01
CA GLN C 287 -29.51 -17.73 -26.86
C GLN C 287 -30.08 -16.51 -27.58
N GLN C 288 -31.24 -16.69 -28.19
CA GLN C 288 -31.90 -15.72 -29.05
C GLN C 288 -33.30 -15.45 -28.52
N PRO C 289 -33.68 -14.19 -28.27
CA PRO C 289 -32.84 -12.99 -28.34
C PRO C 289 -31.91 -12.90 -27.13
N THR C 290 -31.03 -11.92 -27.10
CA THR C 290 -30.06 -11.89 -26.02
C THR C 290 -30.71 -11.40 -24.73
N ARG C 291 -31.72 -10.55 -24.82
CA ARG C 291 -32.47 -10.15 -23.63
C ARG C 291 -33.48 -11.24 -23.27
N LEU C 292 -33.87 -11.25 -22.00
CA LEU C 292 -34.77 -12.29 -21.50
C LEU C 292 -36.22 -11.94 -21.84
N PRO C 293 -36.92 -12.77 -22.63
CA PRO C 293 -38.34 -12.49 -22.93
C PRO C 293 -39.22 -12.70 -21.71
N LEU C 294 -40.01 -11.68 -21.36
CA LEU C 294 -40.99 -11.83 -20.29
C LEU C 294 -42.30 -12.37 -20.85
N LEU C 295 -43.13 -12.90 -19.94
CA LEU C 295 -44.32 -13.68 -20.32
C LEU C 295 -45.25 -12.95 -21.30
N LEU C 305 -39.54 -14.11 -33.70
CA LEU C 305 -39.25 -15.26 -32.86
C LEU C 305 -40.49 -15.66 -32.07
N PRO C 306 -40.89 -16.93 -32.15
CA PRO C 306 -41.95 -17.43 -31.26
C PRO C 306 -41.59 -17.12 -29.81
N GLN C 307 -42.61 -16.81 -29.00
CA GLN C 307 -42.35 -16.62 -27.59
C GLN C 307 -42.10 -17.97 -26.92
N GLU C 308 -41.36 -17.93 -25.80
CA GLU C 308 -40.84 -19.16 -25.23
C GLU C 308 -41.98 -20.00 -24.63
N ILE C 309 -41.86 -21.35 -24.80
CA ILE C 309 -42.81 -22.36 -24.31
C ILE C 309 -42.42 -22.77 -22.91
N HIS C 310 -43.40 -23.14 -22.09
CA HIS C 310 -43.15 -23.55 -20.72
C HIS C 310 -43.79 -24.91 -20.42
N VAL C 311 -43.05 -25.78 -19.72
CA VAL C 311 -43.53 -27.08 -19.27
C VAL C 311 -43.41 -27.11 -17.75
N PRO C 312 -43.97 -28.12 -17.05
CA PRO C 312 -43.91 -28.12 -15.58
C PRO C 312 -42.52 -27.89 -15.00
N SER C 313 -41.47 -28.44 -15.60
CA SER C 313 -40.14 -28.26 -15.04
C SER C 313 -39.59 -26.83 -15.22
N ASP C 314 -40.26 -25.98 -16.01
CA ASP C 314 -39.92 -24.56 -16.11
C ASP C 314 -40.53 -23.72 -15.00
N ARG C 315 -41.19 -24.34 -14.01
CA ARG C 315 -41.92 -23.62 -12.97
C ARG C 315 -41.08 -22.51 -12.34
N CYS C 316 -39.81 -22.82 -12.05
N CYS C 316 -39.80 -22.78 -12.06
CA CYS C 316 -38.88 -21.88 -11.43
CA CYS C 316 -38.99 -21.76 -11.39
C CYS C 316 -38.63 -20.67 -12.31
C CYS C 316 -38.64 -20.62 -12.33
N THR C 317 -38.30 -20.91 -13.59
CA THR C 317 -37.98 -19.82 -14.49
C THR C 317 -39.25 -19.07 -14.90
N VAL C 318 -40.40 -19.72 -14.83
CA VAL C 318 -41.65 -18.99 -15.08
C VAL C 318 -41.91 -18.02 -13.95
N ALA C 319 -41.78 -18.49 -12.70
CA ALA C 319 -41.93 -17.63 -11.53
C ALA C 319 -40.94 -16.46 -11.55
N TYR C 320 -39.71 -16.71 -12.03
CA TYR C 320 -38.71 -15.65 -12.10
C TYR C 320 -39.14 -14.57 -13.06
N ARG C 321 -39.64 -14.97 -14.23
CA ARG C 321 -40.07 -14.00 -15.23
C ARG C 321 -41.27 -13.20 -14.75
N ARG C 322 -42.22 -13.85 -14.08
CA ARG C 322 -43.35 -13.11 -13.52
C ARG C 322 -42.89 -12.11 -12.47
N TRP C 323 -41.96 -12.51 -11.62
CA TRP C 323 -41.40 -11.63 -10.60
C TRP C 323 -40.78 -10.39 -11.24
N LEU C 324 -40.09 -10.56 -12.37
CA LEU C 324 -39.48 -9.42 -13.04
C LEU C 324 -40.54 -8.46 -13.58
N LYS C 325 -41.65 -9.00 -14.09
CA LYS C 325 -42.73 -8.13 -14.55
C LYS C 325 -43.35 -7.36 -13.40
N GLU C 326 -43.62 -8.05 -12.28
CA GLU C 326 -44.10 -7.38 -11.06
C GLU C 326 -43.15 -6.27 -10.61
N LEU C 327 -41.84 -6.48 -10.78
CA LEU C 327 -40.91 -5.46 -10.30
C LEU C 327 -40.78 -4.31 -11.26
N GLY C 328 -41.46 -4.36 -12.40
CA GLY C 328 -41.32 -3.31 -13.39
C GLY C 328 -40.01 -3.33 -14.15
N VAL C 329 -39.35 -4.48 -14.28
CA VAL C 329 -38.08 -4.51 -14.99
C VAL C 329 -38.34 -4.39 -16.49
N THR C 330 -37.71 -3.38 -17.13
CA THR C 330 -37.73 -3.24 -18.58
C THR C 330 -36.33 -3.32 -19.20
N TYR C 331 -35.28 -3.30 -18.39
CA TYR C 331 -33.89 -3.24 -18.83
C TYR C 331 -33.33 -4.65 -18.92
N GLY C 332 -32.69 -4.98 -20.05
CA GLY C 332 -32.21 -6.35 -20.24
C GLY C 332 -33.29 -7.39 -20.46
N VAL C 333 -34.54 -6.98 -20.70
CA VAL C 333 -35.63 -7.91 -20.98
C VAL C 333 -36.39 -7.41 -22.20
N CYS C 334 -37.19 -8.31 -22.78
CA CYS C 334 -38.03 -7.95 -23.92
C CYS C 334 -39.41 -8.62 -23.87
FE1 FES D . 32.32 51.74 -2.98
FE2 FES D . 30.27 49.90 -2.51
S1 FES D . 30.84 50.96 -4.38
S2 FES D . 31.71 50.77 -1.09
C1 GOL E . 14.29 31.54 -6.59
O1 GOL E . 14.22 32.32 -5.41
C2 GOL E . 15.65 30.85 -6.53
O2 GOL E . 16.41 31.38 -5.49
C3 GOL E . 15.31 29.36 -6.35
O3 GOL E . 14.21 29.30 -5.45
C1 GOL F . -5.65 27.58 3.45
O1 GOL F . -4.64 27.33 2.57
C2 GOL F . -6.84 26.67 3.01
O2 GOL F . -6.48 25.68 2.13
C3 GOL F . -7.94 27.59 2.42
O3 GOL F . -8.62 26.85 1.41
C1 GOL G . 1.81 38.62 20.89
O1 GOL G . 3.05 37.96 20.81
C2 GOL G . 1.98 39.90 21.73
O2 GOL G . 0.81 40.66 21.73
C3 GOL G . 2.32 39.38 23.16
O3 GOL G . 2.69 40.51 23.89
C1 GOL H . 32.25 27.50 21.13
O1 GOL H . 30.98 28.12 21.34
C2 GOL H . 33.32 28.62 21.19
O2 GOL H . 33.17 29.50 20.12
C3 GOL H . 33.10 29.32 22.57
O3 GOL H . 32.38 28.43 23.41
N U5A I . -1.79 24.04 20.68
C U5A I . -0.58 24.61 20.58
O U5A I . -0.34 25.79 20.77
C5 U5A I . 5.69 22.43 22.32
N4 U5A I . 5.83 22.11 19.24
N3 U5A I . 4.00 21.83 20.82
C2 U5A I . 2.44 23.31 19.08
O1 U5A I . 0.36 23.71 20.23
C6 U5A I . 5.47 23.53 21.30
C7 U5A I . 4.80 22.78 20.07
C8 U5A I . 5.65 22.35 17.92
C9 U5A I . 3.95 23.59 19.02
C1 U5A I . 1.72 24.19 20.09
C3 U5A I . 2.96 21.16 20.23
C4 U5A I . 4.77 21.28 21.93
N1 U5A I . 2.22 21.89 19.37
N2 U5A I . 2.75 19.90 20.57
N5 U5A I . 6.34 21.97 16.89
N6 U5A I . 4.58 23.16 17.78
FE FE J . 6.76 24.98 26.14
CL CL K . 15.23 45.11 -11.85
CL CL L . 13.64 36.92 24.79
FE1 FES M . 8.49 -17.95 29.11
FE2 FES M . 8.55 -18.94 31.73
S1 FES M . 8.17 -19.98 29.81
S2 FES M . 8.84 -16.88 31.00
C1 GOL N . 2.91 1.87 -6.82
O1 GOL N . 4.00 2.47 -7.37
C2 GOL N . 1.89 1.92 -7.89
O2 GOL N . 0.81 1.07 -7.68
C3 GOL N . 1.52 3.40 -8.05
O3 GOL N . 2.42 3.88 -9.02
C1 GOL O . 15.29 -36.12 2.31
O1 GOL O . 14.27 -35.46 1.63
C2 GOL O . 14.78 -36.29 3.70
O2 GOL O . 14.42 -37.60 3.93
C3 GOL O . 15.94 -35.78 4.59
O3 GOL O . 16.35 -34.54 4.04
N U5A P . -0.64 -12.83 -16.48
C U5A P . -0.27 -13.68 -15.52
O U5A P . -0.95 -14.04 -14.59
C5 U5A P . 4.21 -19.04 -15.13
N4 U5A P . 5.65 -16.87 -13.70
N3 U5A P . 4.10 -16.74 -15.61
C2 U5A P . 2.95 -14.61 -14.39
O1 U5A P . 1.00 -14.11 -15.70
C6 U5A P . 3.59 -18.29 -13.95
C7 U5A P . 4.24 -16.85 -14.15
C8 U5A P . 5.96 -15.81 -12.93
C9 U5A P . 3.65 -15.59 -13.43
C1 U5A P . 1.53 -15.04 -14.72
C3 U5A P . 4.33 -15.53 -16.23
C4 U5A P . 4.24 -18.04 -16.27
N1 U5A P . 3.75 -14.49 -15.62
N2 U5A P . 5.05 -15.52 -17.33
N5 U5A P . 7.08 -15.50 -12.37
N6 U5A P . 4.84 -15.05 -12.80
FE FE Q . 1.21 -22.82 -14.54
C1 GOL R . 6.69 -0.46 7.90
O1 GOL R . 7.92 0.22 7.72
C2 GOL R . 5.87 0.33 8.96
O2 GOL R . 6.62 1.32 9.59
C3 GOL R . 4.63 0.89 8.20
O3 GOL R . 3.50 0.61 8.98
C1 GOL S . -3.75 -11.61 -5.60
O1 GOL S . -3.36 -12.90 -5.32
C2 GOL S . -5.05 -11.35 -4.83
O2 GOL S . -6.17 -11.85 -5.49
C3 GOL S . -5.08 -9.82 -4.72
O3 GOL S . -4.65 -9.45 -3.42
FE1 FES T . -9.48 16.91 -15.32
FE2 FES T . -8.80 19.40 -16.53
S1 FES T . -9.83 17.63 -17.39
S2 FES T . -8.28 18.56 -14.52
C1 GOL U . -11.27 -19.96 6.49
O1 GOL U . -10.96 -21.33 6.32
C2 GOL U . -10.95 -19.25 5.18
O2 GOL U . -11.20 -20.07 4.12
C3 GOL U . -9.45 -18.93 5.29
O3 GOL U . -8.80 -20.17 5.46
C1 GOL V . -39.82 -10.49 -28.67
O1 GOL V . -38.62 -10.93 -28.12
C2 GOL V . -40.75 -11.73 -28.71
O2 GOL V . -41.78 -11.59 -29.63
C3 GOL V . -39.80 -12.92 -29.06
O3 GOL V . -39.17 -13.31 -27.88
C1 GOL W . -4.09 23.60 -1.46
O1 GOL W . -2.69 23.45 -1.42
C2 GOL W . -4.39 25.08 -1.74
O2 GOL W . -4.80 25.75 -0.58
C3 GOL W . -5.50 25.08 -2.86
O3 GOL W . -6.70 24.69 -2.28
N U5A X . -21.18 -27.01 -9.80
C U5A X . -21.76 -25.97 -9.21
O U5A X . -21.81 -24.83 -9.66
C5 U5A X . -27.21 -23.99 -10.71
N4 U5A X . -26.17 -22.36 -8.67
N3 U5A X . -26.55 -24.72 -8.58
C2 U5A X . -24.05 -24.84 -7.16
O1 U5A X . -22.29 -26.31 -8.02
C6 U5A X . -25.69 -23.94 -10.52
C7 U5A X . -25.60 -23.68 -8.96
C8 U5A X . -25.41 -21.67 -7.79
C9 U5A X . -24.25 -23.71 -8.17
C1 U5A X . -22.59 -25.24 -7.09
C3 U5A X . -26.07 -25.95 -8.21
C4 U5A X . -27.74 -24.65 -9.44
N1 U5A X . -24.89 -25.98 -7.55
N2 U5A X . -26.81 -26.98 -8.53
N5 U5A X . -25.61 -20.49 -7.27
N6 U5A X . -24.32 -22.43 -7.49
FE FE Y . -26.20 -24.73 -15.74
C1 GOL Z . -16.68 -0.10 3.43
O1 GOL Z . -18.09 -0.05 3.64
C2 GOL Z . -16.12 1.28 2.84
O2 GOL Z . -15.42 1.13 1.63
C3 GOL Z . -17.29 2.26 2.72
O3 GOL Z . -16.90 3.15 1.70
C1 GOL AA . -24.82 -12.45 -27.53
O1 GOL AA . -23.78 -13.35 -27.15
C2 GOL AA . -24.61 -12.05 -29.04
O2 GOL AA . -25.50 -11.05 -29.45
C3 GOL AA . -23.12 -11.56 -29.14
O3 GOL AA . -23.03 -10.37 -28.39
C1 GOL BA . -33.85 -0.46 -24.77
O1 GOL BA . -33.27 -0.80 -26.02
C2 GOL BA . -35.33 -0.96 -24.77
O2 GOL BA . -36.19 -0.07 -25.42
C3 GOL BA . -35.69 -1.10 -23.28
O3 GOL BA . -35.13 -2.33 -22.86
CL CL CA . -3.16 8.46 -0.50
CL CL DA . -20.15 -15.01 -23.82
#